data_3QBO
#
_entry.id   3QBO
#
_cell.length_a   78.338
_cell.length_b   87.951
_cell.length_c   106.177
_cell.angle_alpha   90.00
_cell.angle_beta   90.00
_cell.angle_gamma   90.00
#
_symmetry.space_group_name_H-M   'P 21 21 21'
#
loop_
_entity.id
_entity.type
_entity.pdbx_description
1 polymer 'Phosphoserine aminotransferase'
2 non-polymer "PYRIDOXAL-5'-PHOSPHATE"
3 water water
#
_entity_poly.entity_id   1
_entity_poly.type   'polypeptide(L)'
_entity_poly.pdbx_seq_one_letter_code
;SNAMTQVYNFSAGPAMLPVEVLRRAQQELRDWHGLGTSVMEVSHRSKEFMQVAEESEKDLRDLLNVPANYKVLFCHGGAR
AQFAAVPLNLLGDRNSADYVDGGYWAHSAIKEAQKYCTPNVIDVTTHDNGLTGIQPMKQWKLSDNAAYVHYCPNETIDGI
AIDEQPDFGNKVVVADFSSSILSRPIDVSRYGVIYAGAQKNIGPAGLTLVIVREDLLGKAHTALPSILDYKILADNDSMF
NTPPTFAWYLSGLVFKWLKEQGGLGEMEKRNQAKAELLYGAIDRTGFYRNDVAITNRSWMNVPFQMADASLDKLFLSEAE
AQGLQALKGHRVAGGMRASIYNAMPIEGVKALTDFMADFERRHG
;
_entity_poly.pdbx_strand_id   A,B
#
loop_
_chem_comp.id
_chem_comp.type
_chem_comp.name
_chem_comp.formula
PLP non-polymer PYRIDOXAL-5'-PHOSPHATE 'C8 H10 N O6 P'
#
# COMPACT_ATOMS: atom_id res chain seq x y z
N GLN A 6 -23.57 -11.04 -18.73
CA GLN A 6 -23.41 -10.49 -17.33
C GLN A 6 -22.36 -11.23 -16.46
N VAL A 7 -21.45 -10.49 -15.83
CA VAL A 7 -20.33 -11.08 -15.13
C VAL A 7 -20.47 -11.03 -13.61
N TYR A 8 -20.09 -12.13 -12.98
CA TYR A 8 -20.00 -12.15 -11.51
C TYR A 8 -18.68 -12.72 -11.17
N ASN A 9 -18.01 -12.08 -10.21
CA ASN A 9 -16.63 -12.36 -9.89
C ASN A 9 -16.51 -12.88 -8.46
N PHE A 10 -16.21 -14.17 -8.33
CA PHE A 10 -16.24 -14.82 -7.04
C PHE A 10 -14.86 -14.84 -6.39
N SER A 11 -14.00 -13.94 -6.78
CA SER A 11 -12.65 -13.91 -6.29
C SER A 11 -12.53 -13.71 -4.78
N ALA A 12 -11.60 -14.44 -4.16
CA ALA A 12 -11.42 -14.41 -2.71
C ALA A 12 -10.66 -13.20 -2.18
N GLY A 13 -9.94 -12.51 -3.05
CA GLY A 13 -9.10 -11.41 -2.64
C GLY A 13 -7.90 -11.26 -3.54
N PRO A 14 -7.65 -10.05 -4.07
CA PRO A 14 -8.58 -8.91 -4.06
C PRO A 14 -9.89 -9.28 -4.78
N ALA A 15 -10.92 -8.49 -4.59
CA ALA A 15 -12.28 -8.99 -4.74
C ALA A 15 -13.19 -7.97 -5.34
N MET A 16 -14.35 -8.41 -5.71
CA MET A 16 -15.33 -7.48 -6.26
C MET A 16 -15.57 -6.29 -5.33
N LEU A 17 -15.67 -5.09 -5.90
CA LEU A 17 -16.12 -3.88 -5.22
C LEU A 17 -17.55 -3.59 -5.60
N PRO A 18 -18.31 -2.90 -4.73
CA PRO A 18 -19.66 -2.61 -5.08
C PRO A 18 -19.70 -1.89 -6.37
N VAL A 19 -20.62 -2.32 -7.23
CA VAL A 19 -20.63 -1.85 -8.57
C VAL A 19 -20.79 -0.36 -8.55
N GLU A 20 -21.51 0.14 -7.57
CA GLU A 20 -21.80 1.57 -7.52
C GLU A 20 -20.59 2.38 -7.10
N VAL A 21 -19.75 1.81 -6.23
CA VAL A 21 -18.51 2.41 -5.84
C VAL A 21 -17.62 2.53 -7.05
N LEU A 22 -17.54 1.48 -7.87
CA LEU A 22 -16.65 1.54 -9.03
C LEU A 22 -17.12 2.53 -10.08
N ARG A 23 -18.42 2.56 -10.31
CA ARG A 23 -18.98 3.53 -11.22
C ARG A 23 -18.60 4.96 -10.79
N ARG A 24 -18.81 5.29 -9.51
CA ARG A 24 -18.54 6.64 -9.01
C ARG A 24 -17.06 7.02 -9.15
N ALA A 25 -16.19 6.07 -8.81
CA ALA A 25 -14.75 6.23 -8.87
C ALA A 25 -14.34 6.47 -10.34
N GLN A 26 -14.93 5.69 -11.26
CA GLN A 26 -14.69 5.86 -12.70
C GLN A 26 -15.05 7.26 -13.10
N GLN A 27 -16.21 7.68 -12.64
CA GLN A 27 -16.72 9.00 -12.95
C GLN A 27 -15.79 10.09 -12.49
N GLU A 28 -15.18 9.94 -11.33
CA GLU A 28 -14.42 11.03 -10.80
C GLU A 28 -12.93 10.80 -10.92
N LEU A 29 -12.56 9.75 -11.65
CA LEU A 29 -11.17 9.39 -11.83
C LEU A 29 -10.26 10.57 -12.17
N ARG A 30 -10.69 11.38 -13.12
CA ARG A 30 -9.85 12.41 -13.71
C ARG A 30 -10.10 13.81 -13.17
N ASP A 31 -11.34 14.05 -12.74
CA ASP A 31 -11.73 15.32 -12.15
C ASP A 31 -12.48 15.07 -10.86
N TRP A 32 -11.75 15.11 -9.74
CA TRP A 32 -12.32 14.81 -8.41
C TRP A 32 -12.74 16.07 -7.67
N HIS A 33 -14.04 16.18 -7.41
CA HIS A 33 -14.57 17.33 -6.69
C HIS A 33 -14.23 18.65 -7.43
N GLY A 34 -14.31 18.60 -8.76
CA GLY A 34 -14.07 19.78 -9.59
C GLY A 34 -12.65 20.34 -9.64
N LEU A 35 -11.69 19.66 -9.01
CA LEU A 35 -10.30 20.16 -8.90
C LEU A 35 -9.48 19.97 -10.17
N GLY A 36 -10.05 19.29 -11.16
CA GLY A 36 -9.33 18.98 -12.40
C GLY A 36 -8.18 18.01 -12.21
N THR A 37 -8.15 17.32 -11.06
CA THR A 37 -7.14 16.27 -10.80
C THR A 37 -7.79 15.00 -10.21
N SER A 38 -7.10 13.87 -10.31
CA SER A 38 -7.56 12.68 -9.62
C SER A 38 -7.32 12.83 -8.14
N VAL A 39 -8.10 12.06 -7.38
CA VAL A 39 -7.92 11.91 -5.92
C VAL A 39 -6.55 11.36 -5.60
N MET A 40 -5.90 10.83 -6.62
CA MET A 40 -4.71 10.02 -6.54
C MET A 40 -3.46 10.89 -6.69
N GLU A 41 -3.68 12.14 -7.13
CA GLU A 41 -2.59 13.02 -7.52
C GLU A 41 -2.42 14.21 -6.54
N VAL A 42 -3.19 14.18 -5.48
CA VAL A 42 -3.27 15.28 -4.54
C VAL A 42 -2.56 14.85 -3.27
N SER A 43 -2.15 15.83 -2.47
CA SER A 43 -1.50 15.56 -1.21
C SER A 43 -2.47 15.03 -0.19
N HIS A 44 -1.96 14.13 0.66
CA HIS A 44 -2.76 13.59 1.71
C HIS A 44 -3.00 14.62 2.80
N ARG A 45 -2.41 15.81 2.67
CA ARG A 45 -2.59 16.89 3.64
C ARG A 45 -3.42 18.02 3.11
N SER A 46 -3.90 17.89 1.87
CA SER A 46 -4.84 18.82 1.33
C SER A 46 -6.07 18.85 2.22
N LYS A 47 -6.81 19.94 2.17
CA LYS A 47 -8.08 20.01 2.85
C LYS A 47 -8.96 18.88 2.36
N GLU A 48 -8.87 18.62 1.06
CA GLU A 48 -9.82 17.72 0.41
C GLU A 48 -9.60 16.28 0.85
N PHE A 49 -8.34 15.85 0.90
CA PHE A 49 -8.07 14.49 1.32
C PHE A 49 -8.34 14.35 2.81
N MET A 50 -7.97 15.36 3.56
CA MET A 50 -8.26 15.39 4.97
C MET A 50 -9.74 15.03 5.27
N GLN A 51 -10.64 15.62 4.49
CA GLN A 51 -12.08 15.40 4.62
C GLN A 51 -12.40 13.92 4.44
N VAL A 52 -11.92 13.35 3.32
CA VAL A 52 -12.05 11.92 3.08
C VAL A 52 -11.58 11.12 4.31
N ALA A 53 -10.41 11.47 4.85
CA ALA A 53 -9.81 10.76 6.00
C ALA A 53 -10.72 10.85 7.22
N GLU A 54 -11.21 12.04 7.55
CA GLU A 54 -12.16 12.17 8.66
C GLU A 54 -13.52 11.54 8.38
N GLU A 55 -14.15 11.78 7.23
CA GLU A 55 -15.46 11.17 6.93
C GLU A 55 -15.41 9.62 7.03
N SER A 56 -14.35 9.03 6.49
CA SER A 56 -14.23 7.60 6.45
C SER A 56 -13.98 7.04 7.83
N GLU A 57 -13.19 7.71 8.67
CA GLU A 57 -13.09 7.24 10.06
C GLU A 57 -14.45 7.37 10.77
N LYS A 58 -15.12 8.48 10.59
CA LYS A 58 -16.39 8.63 11.24
C LYS A 58 -17.38 7.55 10.73
N ASP A 59 -17.45 7.36 9.41
CA ASP A 59 -18.40 6.42 8.84
C ASP A 59 -18.15 4.99 9.39
N LEU A 60 -16.89 4.63 9.57
CA LEU A 60 -16.52 3.28 10.06
C LEU A 60 -16.91 3.07 11.54
N ARG A 61 -16.68 4.09 12.34
CA ARG A 61 -17.10 4.07 13.75
C ARG A 61 -18.62 3.92 13.87
N ASP A 62 -19.35 4.63 13.03
CA ASP A 62 -20.80 4.50 13.03
C ASP A 62 -21.22 3.10 12.63
N LEU A 63 -20.61 2.55 11.58
CA LEU A 63 -21.13 1.30 11.00
C LEU A 63 -20.93 0.14 11.93
N LEU A 64 -19.75 0.09 12.52
CA LEU A 64 -19.37 -1.00 13.36
C LEU A 64 -19.62 -0.63 14.82
N ASN A 65 -20.02 0.63 15.09
CA ASN A 65 -20.24 1.07 16.47
C ASN A 65 -18.97 0.94 17.32
N VAL A 66 -17.87 1.54 16.88
CA VAL A 66 -16.61 1.49 17.62
C VAL A 66 -16.73 2.46 18.82
N PRO A 67 -16.35 1.98 20.02
CA PRO A 67 -16.38 2.93 21.13
C PRO A 67 -15.25 3.96 21.05
N ALA A 68 -15.43 5.09 21.76
CA ALA A 68 -14.44 6.20 21.80
C ALA A 68 -13.04 5.77 22.25
N ASN A 69 -12.93 4.75 23.08
CA ASN A 69 -11.63 4.27 23.58
C ASN A 69 -10.81 3.43 22.60
N TYR A 70 -11.32 3.24 21.39
CA TYR A 70 -10.58 2.52 20.39
C TYR A 70 -10.03 3.47 19.34
N LYS A 71 -8.79 3.25 18.92
CA LYS A 71 -8.21 3.97 17.79
C LYS A 71 -8.53 3.23 16.49
N VAL A 72 -8.75 3.99 15.44
CA VAL A 72 -9.04 3.44 14.13
C VAL A 72 -7.90 3.84 13.20
N LEU A 73 -7.08 2.87 12.81
CA LEU A 73 -5.90 3.11 12.02
C LEU A 73 -5.97 2.54 10.62
N PHE A 74 -5.36 3.24 9.67
CA PHE A 74 -5.24 2.75 8.33
C PHE A 74 -3.77 2.58 8.05
N CYS A 75 -3.41 1.37 7.62
CA CYS A 75 -2.06 0.91 7.58
C CYS A 75 -1.65 0.38 6.24
N HIS A 76 -0.35 0.51 5.97
CA HIS A 76 0.26 -0.18 4.86
C HIS A 76 0.44 -1.63 5.21
N GLY A 77 0.47 -2.49 4.21
CA GLY A 77 1.19 -3.77 4.32
C GLY A 77 0.41 -5.06 4.37
N GLY A 78 -0.92 -4.99 4.33
CA GLY A 78 -1.74 -6.19 4.31
C GLY A 78 -1.78 -6.83 5.68
N ALA A 79 -2.48 -7.95 5.80
CA ALA A 79 -2.68 -8.53 7.09
C ALA A 79 -1.39 -9.27 7.50
N ARG A 80 -0.60 -9.73 6.52
CA ARG A 80 0.62 -10.37 6.86
C ARG A 80 1.63 -9.47 7.61
N ALA A 81 1.57 -8.17 7.40
CA ALA A 81 2.33 -7.19 8.18
C ALA A 81 1.86 -7.24 9.60
N GLN A 82 0.55 -7.39 9.78
CA GLN A 82 -0.07 -7.42 11.12
C GLN A 82 0.30 -8.67 11.85
N PHE A 83 0.57 -9.77 11.14
CA PHE A 83 1.14 -10.97 11.82
C PHE A 83 2.47 -10.63 12.54
N ALA A 84 3.20 -9.63 12.01
CA ALA A 84 4.44 -9.16 12.70
C ALA A 84 4.07 -8.02 13.62
N ALA A 85 3.16 -7.16 13.19
CA ALA A 85 2.91 -5.94 13.98
C ALA A 85 2.20 -6.26 15.31
N VAL A 86 1.39 -7.29 15.31
CA VAL A 86 0.71 -7.73 16.51
C VAL A 86 1.71 -8.14 17.64
N PRO A 87 2.58 -9.13 17.40
CA PRO A 87 3.51 -9.49 18.49
C PRO A 87 4.42 -8.34 18.91
N LEU A 88 4.87 -7.53 17.94
CA LEU A 88 5.74 -6.43 18.21
C LEU A 88 5.05 -5.37 19.07
N ASN A 89 3.84 -4.99 18.71
CA ASN A 89 3.14 -4.02 19.54
C ASN A 89 2.68 -4.57 20.90
N LEU A 90 2.44 -5.86 20.99
CA LEU A 90 1.60 -6.38 22.05
C LEU A 90 2.31 -7.28 23.06
N LEU A 91 3.38 -7.97 22.66
CA LEU A 91 4.06 -8.94 23.54
C LEU A 91 4.40 -8.31 24.87
N GLY A 92 4.76 -7.03 24.85
CA GLY A 92 5.00 -6.28 26.07
C GLY A 92 6.16 -6.88 26.84
N ASP A 93 6.00 -7.00 28.15
CA ASP A 93 7.06 -7.56 28.98
C ASP A 93 7.15 -9.11 28.85
N ARG A 94 6.04 -9.72 28.36
CA ARG A 94 5.89 -11.18 28.30
C ARG A 94 6.46 -11.88 27.08
N ASN A 95 6.47 -13.21 27.12
CA ASN A 95 7.27 -14.05 26.22
C ASN A 95 6.50 -14.93 25.24
N SER A 96 5.19 -15.00 25.40
CA SER A 96 4.33 -15.55 24.35
C SER A 96 2.88 -15.10 24.49
N ALA A 97 2.09 -15.60 23.54
CA ALA A 97 0.70 -15.29 23.44
C ALA A 97 0.05 -16.58 22.95
N ASP A 98 -1.27 -16.70 23.14
CA ASP A 98 -2.01 -17.86 22.72
C ASP A 98 -2.51 -17.64 21.29
N TYR A 99 -2.26 -18.67 20.46
CA TYR A 99 -2.68 -18.65 19.08
C TYR A 99 -3.62 -19.78 18.80
N VAL A 100 -4.84 -19.41 18.50
CA VAL A 100 -5.87 -20.35 18.15
C VAL A 100 -5.69 -20.78 16.69
N ASP A 101 -5.56 -22.09 16.48
CA ASP A 101 -5.25 -22.63 15.18
C ASP A 101 -6.40 -23.45 14.69
N GLY A 102 -7.21 -22.84 13.83
CA GLY A 102 -8.30 -23.54 13.21
C GLY A 102 -8.29 -23.39 11.71
N GLY A 103 -7.12 -23.17 11.13
CA GLY A 103 -7.02 -23.12 9.67
C GLY A 103 -5.83 -22.33 9.17
N TYR A 104 -5.76 -22.18 7.84
CA TYR A 104 -4.54 -21.73 7.17
C TYR A 104 -4.02 -20.40 7.68
N TRP A 105 -4.91 -19.42 7.80
CA TRP A 105 -4.49 -18.06 8.09
C TRP A 105 -4.09 -17.89 9.53
N ALA A 106 -4.81 -18.53 10.42
CA ALA A 106 -4.43 -18.64 11.83
C ALA A 106 -3.05 -19.30 11.90
N HIS A 107 -2.82 -20.32 11.07
CA HIS A 107 -1.53 -20.96 11.07
C HIS A 107 -0.48 -19.99 10.58
N SER A 108 -0.78 -19.25 9.51
CA SER A 108 0.18 -18.31 8.93
C SER A 108 0.71 -17.31 9.98
N ALA A 109 -0.17 -16.85 10.85
CA ALA A 109 0.15 -15.83 11.85
C ALA A 109 1.09 -16.42 12.90
N ILE A 110 0.81 -17.66 13.25
CA ILE A 110 1.67 -18.37 14.16
C ILE A 110 3.09 -18.42 13.60
N LYS A 111 3.23 -18.76 12.31
CA LYS A 111 4.55 -18.97 11.72
C LYS A 111 5.37 -17.67 11.72
N GLU A 112 4.72 -16.52 11.62
CA GLU A 112 5.45 -15.26 11.66
C GLU A 112 5.75 -14.89 13.12
N ALA A 113 4.78 -15.18 13.99
CA ALA A 113 4.95 -14.94 15.43
C ALA A 113 6.26 -15.58 15.92
N GLN A 114 6.63 -16.71 15.36
CA GLN A 114 7.84 -17.39 15.83
C GLN A 114 9.12 -16.54 15.71
N LYS A 115 9.06 -15.42 14.99
CA LYS A 115 10.19 -14.48 14.94
C LYS A 115 10.31 -13.76 16.27
N TYR A 116 9.16 -13.49 16.88
CA TYR A 116 9.09 -12.58 18.02
C TYR A 116 8.77 -13.21 19.37
N CYS A 117 8.53 -14.52 19.42
CA CYS A 117 8.12 -15.16 20.63
C CYS A 117 8.09 -16.67 20.41
N THR A 118 7.58 -17.38 21.41
CA THR A 118 7.40 -18.82 21.33
C THR A 118 5.88 -19.07 21.46
N PRO A 119 5.17 -19.01 20.33
CA PRO A 119 3.71 -19.00 20.44
C PRO A 119 3.14 -20.32 21.00
N ASN A 120 2.20 -20.20 21.93
CA ASN A 120 1.49 -21.34 22.42
C ASN A 120 0.35 -21.71 21.47
N VAL A 121 0.62 -22.73 20.64
CA VAL A 121 -0.26 -23.17 19.60
C VAL A 121 -1.39 -24.03 20.14
N ILE A 122 -2.58 -23.45 20.24
CA ILE A 122 -3.80 -24.18 20.66
C ILE A 122 -4.67 -24.63 19.45
N ASP A 123 -4.70 -25.94 19.21
CA ASP A 123 -5.42 -26.54 18.09
C ASP A 123 -6.85 -26.75 18.52
N VAL A 124 -7.74 -26.23 17.68
CA VAL A 124 -9.12 -26.00 18.01
C VAL A 124 -10.05 -26.74 17.03
N THR A 125 -9.48 -27.55 16.13
CA THR A 125 -10.24 -28.16 15.04
C THR A 125 -10.91 -29.45 15.49
N THR A 126 -12.19 -29.60 15.17
CA THR A 126 -12.93 -30.81 15.51
C THR A 126 -13.24 -31.55 14.21
N HIS A 127 -13.35 -32.87 14.31
CA HIS A 127 -13.61 -33.71 13.15
C HIS A 127 -14.66 -34.74 13.57
N ASP A 128 -15.90 -34.31 13.63
CA ASP A 128 -17.00 -35.19 14.04
C ASP A 128 -17.85 -35.53 12.80
N ASN A 129 -17.82 -36.82 12.44
CA ASN A 129 -18.55 -37.40 11.30
C ASN A 129 -17.98 -37.10 9.89
N GLY A 130 -16.72 -36.68 9.80
CA GLY A 130 -16.13 -36.22 8.52
C GLY A 130 -16.20 -34.70 8.35
N LEU A 131 -17.26 -34.10 8.89
CA LEU A 131 -17.40 -32.67 9.06
C LEU A 131 -16.26 -32.08 9.91
N THR A 132 -15.83 -30.88 9.55
CA THR A 132 -14.82 -30.14 10.29
C THR A 132 -15.49 -28.98 10.98
N GLY A 133 -15.18 -28.79 12.25
CA GLY A 133 -15.73 -27.66 12.97
C GLY A 133 -14.73 -27.09 13.95
N ILE A 134 -15.22 -26.18 14.78
CA ILE A 134 -14.36 -25.54 15.75
C ILE A 134 -14.89 -25.70 17.16
N GLN A 135 -13.99 -26.01 18.07
CA GLN A 135 -14.30 -26.07 19.48
C GLN A 135 -15.00 -24.79 19.93
N PRO A 136 -15.98 -24.91 20.84
CA PRO A 136 -16.57 -23.75 21.51
C PRO A 136 -15.51 -23.02 22.29
N MET A 137 -15.61 -21.69 22.33
CA MET A 137 -14.61 -20.88 23.05
C MET A 137 -14.41 -21.33 24.48
N LYS A 138 -15.49 -21.77 25.13
CA LYS A 138 -15.49 -22.10 26.54
C LYS A 138 -14.45 -23.15 26.92
N GLN A 139 -14.04 -23.98 25.96
CA GLN A 139 -13.09 -25.05 26.21
C GLN A 139 -11.70 -24.81 25.65
N TRP A 140 -11.44 -23.62 25.14
CA TRP A 140 -10.13 -23.29 24.61
C TRP A 140 -9.14 -23.17 25.74
N LYS A 141 -8.04 -23.89 25.60
CA LYS A 141 -7.06 -24.06 26.66
C LYS A 141 -6.04 -22.91 26.78
N LEU A 142 -6.52 -21.76 27.27
CA LEU A 142 -5.72 -20.53 27.36
C LEU A 142 -4.76 -20.48 28.57
N SER A 143 -3.68 -19.74 28.41
CA SER A 143 -2.70 -19.47 29.48
C SER A 143 -3.09 -18.31 30.37
N ASP A 144 -2.52 -18.30 31.56
CA ASP A 144 -2.64 -17.16 32.45
C ASP A 144 -1.64 -16.11 32.00
N ASN A 145 -0.58 -16.55 31.31
CA ASN A 145 0.60 -15.73 31.02
C ASN A 145 0.73 -15.17 29.58
N ALA A 146 -0.23 -15.50 28.74
CA ALA A 146 -0.28 -15.05 27.37
C ALA A 146 -0.34 -13.52 27.32
N ALA A 147 0.44 -12.88 26.44
CA ALA A 147 0.27 -11.46 26.22
C ALA A 147 -1.14 -11.20 25.64
N TYR A 148 -1.59 -12.13 24.82
CA TYR A 148 -2.86 -12.01 24.14
C TYR A 148 -3.28 -13.35 23.57
N VAL A 149 -4.49 -13.37 23.03
CA VAL A 149 -5.05 -14.49 22.38
C VAL A 149 -5.40 -14.05 20.97
N HIS A 150 -4.87 -14.78 20.01
CA HIS A 150 -5.05 -14.47 18.62
C HIS A 150 -5.89 -15.50 17.87
N TYR A 151 -6.92 -15.05 17.18
CA TYR A 151 -7.70 -15.99 16.40
C TYR A 151 -8.21 -15.37 15.13
N CYS A 152 -8.58 -16.25 14.19
CA CYS A 152 -9.11 -15.84 12.89
C CYS A 152 -10.57 -16.28 12.85
N PRO A 153 -11.51 -15.33 12.98
CA PRO A 153 -12.95 -15.64 12.90
C PRO A 153 -13.49 -16.02 11.52
N ASN A 154 -12.69 -15.89 10.47
CA ASN A 154 -13.16 -16.38 9.17
C ASN A 154 -12.00 -16.77 8.30
N GLU A 155 -11.88 -18.09 8.14
CA GLU A 155 -10.77 -18.72 7.43
C GLU A 155 -11.14 -18.90 5.94
N THR A 156 -10.51 -18.06 5.14
CA THR A 156 -10.95 -17.74 3.76
C THR A 156 -10.80 -18.92 2.81
N ILE A 157 -9.77 -19.75 3.03
CA ILE A 157 -9.50 -20.94 2.24
C ILE A 157 -10.36 -22.11 2.69
N ASP A 158 -10.51 -22.27 4.00
CA ASP A 158 -11.28 -23.38 4.56
C ASP A 158 -12.80 -23.16 4.50
N GLY A 159 -13.29 -21.93 4.52
CA GLY A 159 -14.74 -21.70 4.63
C GLY A 159 -15.27 -21.98 6.02
N ILE A 160 -14.44 -21.69 7.03
CA ILE A 160 -14.75 -21.94 8.43
C ILE A 160 -14.73 -20.66 9.21
N ALA A 161 -15.88 -20.30 9.78
CA ALA A 161 -16.03 -19.17 10.65
C ALA A 161 -16.26 -19.61 12.09
N ILE A 162 -15.85 -18.76 13.01
CA ILE A 162 -16.18 -18.86 14.41
C ILE A 162 -17.18 -17.71 14.69
N ASP A 163 -18.44 -18.00 14.88
CA ASP A 163 -19.41 -16.90 14.98
C ASP A 163 -19.58 -16.30 16.39
N GLU A 164 -19.32 -17.07 17.43
CA GLU A 164 -19.55 -16.61 18.80
C GLU A 164 -18.60 -15.47 19.20
N GLN A 165 -19.15 -14.48 19.90
CA GLN A 165 -18.34 -13.41 20.48
C GLN A 165 -17.50 -13.92 21.65
N PRO A 166 -16.27 -13.43 21.78
CA PRO A 166 -15.40 -13.76 22.89
C PRO A 166 -15.83 -13.06 24.15
N ASP A 167 -15.77 -13.75 25.28
CA ASP A 167 -16.10 -13.16 26.59
C ASP A 167 -15.08 -13.65 27.58
N PHE A 168 -13.84 -13.44 27.21
CA PHE A 168 -12.74 -13.82 28.05
C PHE A 168 -12.58 -12.78 29.13
N GLY A 169 -11.47 -12.86 29.86
CA GLY A 169 -11.37 -12.06 31.04
C GLY A 169 -11.14 -10.62 30.65
N ASN A 170 -10.00 -10.14 31.10
CA ASN A 170 -9.42 -8.92 30.61
C ASN A 170 -8.24 -9.34 29.73
N LYS A 171 -8.25 -10.62 29.35
CA LYS A 171 -7.35 -11.14 28.34
C LYS A 171 -7.48 -10.28 27.08
N VAL A 172 -6.35 -10.08 26.43
CA VAL A 172 -6.31 -9.24 25.27
C VAL A 172 -6.56 -10.17 24.09
N VAL A 173 -7.64 -9.89 23.35
CA VAL A 173 -8.06 -10.75 22.26
C VAL A 173 -7.65 -10.06 20.97
N VAL A 174 -7.00 -10.78 20.07
CA VAL A 174 -6.68 -10.22 18.75
C VAL A 174 -7.34 -11.07 17.64
N ALA A 175 -8.05 -10.42 16.72
CA ALA A 175 -8.79 -11.16 15.69
C ALA A 175 -8.51 -10.65 14.27
N ASP A 176 -8.05 -11.54 13.41
CA ASP A 176 -7.87 -11.28 11.99
C ASP A 176 -9.24 -11.33 11.33
N PHE A 177 -9.87 -10.18 11.16
CA PHE A 177 -11.20 -10.15 10.53
C PHE A 177 -11.15 -9.84 9.03
N SER A 178 -10.01 -10.07 8.38
CA SER A 178 -9.84 -9.76 6.98
C SER A 178 -11.01 -10.12 6.06
N SER A 179 -11.50 -11.36 6.13
CA SER A 179 -12.44 -11.83 5.12
C SER A 179 -13.93 -11.79 5.52
N SER A 180 -14.24 -11.27 6.70
CA SER A 180 -15.62 -11.08 7.09
C SER A 180 -15.91 -9.76 7.77
N ILE A 181 -14.92 -8.87 7.89
CA ILE A 181 -15.21 -7.58 8.46
C ILE A 181 -16.30 -6.89 7.65
N LEU A 182 -17.26 -6.30 8.36
CA LEU A 182 -18.39 -5.52 7.77
C LEU A 182 -19.52 -6.38 7.18
N SER A 183 -19.50 -7.67 7.47
CA SER A 183 -20.49 -8.60 6.93
C SER A 183 -21.73 -8.66 7.81
N ARG A 184 -21.56 -8.27 9.07
CA ARG A 184 -22.63 -8.17 10.06
C ARG A 184 -22.07 -7.34 11.27
N PRO A 185 -22.92 -7.04 12.26
CA PRO A 185 -22.43 -6.30 13.41
C PRO A 185 -21.58 -7.17 14.35
N ILE A 186 -20.59 -6.56 14.97
CA ILE A 186 -19.83 -7.25 16.00
C ILE A 186 -19.69 -6.37 17.22
N ASP A 187 -19.51 -6.99 18.39
CA ASP A 187 -19.37 -6.26 19.66
C ASP A 187 -17.90 -5.90 19.87
N VAL A 188 -17.50 -4.72 19.39
CA VAL A 188 -16.11 -4.34 19.37
C VAL A 188 -15.44 -4.40 20.76
N SER A 189 -16.22 -4.10 21.80
CA SER A 189 -15.73 -4.05 23.19
C SER A 189 -15.15 -5.36 23.71
N ARG A 190 -15.35 -6.47 23.00
CA ARG A 190 -14.84 -7.77 23.48
C ARG A 190 -13.41 -8.03 23.01
N TYR A 191 -12.83 -7.05 22.32
CA TYR A 191 -11.63 -7.23 21.54
C TYR A 191 -10.57 -6.25 21.96
N GLY A 192 -9.32 -6.71 21.92
CA GLY A 192 -8.18 -5.82 22.04
C GLY A 192 -7.83 -5.16 20.70
N VAL A 193 -7.49 -5.99 19.74
CA VAL A 193 -7.22 -5.51 18.40
C VAL A 193 -8.06 -6.32 17.40
N ILE A 194 -8.70 -5.60 16.48
CA ILE A 194 -9.24 -6.17 15.25
C ILE A 194 -8.51 -5.57 14.07
N TYR A 195 -8.06 -6.43 13.17
CA TYR A 195 -7.40 -6.03 11.95
C TYR A 195 -7.94 -6.75 10.75
N ALA A 196 -7.82 -6.09 9.59
CA ALA A 196 -8.35 -6.63 8.35
C ALA A 196 -7.71 -5.98 7.15
N GLY A 197 -7.10 -6.79 6.28
CA GLY A 197 -6.65 -6.28 5.05
C GLY A 197 -7.88 -5.89 4.26
N ALA A 198 -7.78 -4.80 3.55
CA ALA A 198 -8.96 -4.16 3.00
C ALA A 198 -9.60 -4.95 1.86
N GLN A 199 -8.83 -5.84 1.23
CA GLN A 199 -9.12 -6.32 -0.16
C GLN A 199 -10.14 -7.46 -0.30
N LYS A 200 -10.88 -7.73 0.74
CA LYS A 200 -11.79 -8.86 0.65
C LYS A 200 -13.13 -8.25 0.81
N ASN A 201 -13.56 -8.15 2.04
CA ASN A 201 -14.94 -7.82 2.20
C ASN A 201 -15.16 -6.36 2.11
N ILE A 202 -14.08 -5.56 2.11
CA ILE A 202 -14.17 -4.15 1.67
C ILE A 202 -13.99 -4.07 0.11
N GLY A 203 -12.80 -4.49 -0.37
CA GLY A 203 -12.52 -4.66 -1.81
C GLY A 203 -11.12 -4.27 -2.35
N PRO A 204 -10.54 -3.11 -1.89
CA PRO A 204 -9.33 -2.55 -2.54
C PRO A 204 -8.02 -2.88 -1.86
N ALA A 205 -7.03 -3.27 -2.65
CA ALA A 205 -5.81 -3.83 -2.11
C ALA A 205 -4.82 -2.75 -1.77
N GLY A 206 -3.99 -3.00 -0.76
CA GLY A 206 -2.97 -2.04 -0.35
C GLY A 206 -3.31 -1.17 0.84
N LEU A 207 -4.30 -1.58 1.63
CA LEU A 207 -4.71 -0.88 2.83
C LEU A 207 -5.11 -1.93 3.86
N THR A 208 -4.84 -1.63 5.11
CA THR A 208 -5.14 -2.54 6.16
C THR A 208 -5.68 -1.74 7.31
N LEU A 209 -6.75 -2.27 7.87
CA LEU A 209 -7.48 -1.62 8.91
C LEU A 209 -7.10 -2.22 10.23
N VAL A 210 -6.90 -1.38 11.24
CA VAL A 210 -6.55 -1.86 12.56
C VAL A 210 -7.42 -1.09 13.53
N ILE A 211 -8.03 -1.78 14.49
CA ILE A 211 -8.81 -1.08 15.48
C ILE A 211 -8.26 -1.54 16.82
N VAL A 212 -7.81 -0.58 17.64
CA VAL A 212 -6.95 -0.87 18.80
C VAL A 212 -7.45 -0.16 20.03
N ARG A 213 -7.63 -0.93 21.11
CA ARG A 213 -7.99 -0.33 22.39
C ARG A 213 -6.79 0.47 22.90
N GLU A 214 -7.07 1.74 23.22
CA GLU A 214 -6.06 2.73 23.58
C GLU A 214 -5.12 2.36 24.72
N ASP A 215 -5.59 1.70 25.75
CA ASP A 215 -4.71 1.28 26.87
C ASP A 215 -3.60 0.34 26.41
N LEU A 216 -3.75 -0.31 25.28
CA LEU A 216 -2.74 -1.20 24.80
C LEU A 216 -1.57 -0.49 24.11
N LEU A 217 -1.71 0.80 23.78
CA LEU A 217 -0.61 1.57 23.20
C LEU A 217 0.56 1.82 24.19
N GLY A 218 1.73 2.12 23.67
CA GLY A 218 2.83 2.55 24.55
C GLY A 218 3.82 1.47 24.98
N LYS A 219 3.55 0.24 24.56
CA LYS A 219 4.37 -0.92 24.90
C LYS A 219 5.06 -1.56 23.69
N ALA A 220 5.14 -0.84 22.57
CA ALA A 220 5.69 -1.41 21.34
C ALA A 220 7.21 -1.62 21.44
N HIS A 221 7.72 -2.70 20.86
CA HIS A 221 9.15 -3.04 20.85
C HIS A 221 9.90 -2.08 19.92
N THR A 222 11.12 -1.71 20.32
CA THR A 222 11.93 -0.70 19.60
C THR A 222 12.27 -1.15 18.18
N ALA A 223 12.39 -2.46 17.96
CA ALA A 223 12.65 -3.03 16.64
C ALA A 223 11.48 -2.82 15.65
N LEU A 224 10.26 -2.63 16.15
CA LEU A 224 9.09 -2.45 15.27
C LEU A 224 9.31 -1.24 14.36
N PRO A 225 9.44 -1.44 13.05
CA PRO A 225 9.43 -0.26 12.15
C PRO A 225 8.23 0.64 12.45
N SER A 226 8.45 1.95 12.39
CA SER A 226 7.50 2.96 12.82
C SER A 226 6.18 2.95 12.09
N ILE A 227 6.19 2.63 10.79
CA ILE A 227 4.97 2.60 10.03
C ILE A 227 4.01 1.52 10.53
N LEU A 228 4.51 0.61 11.40
CA LEU A 228 3.64 -0.44 11.98
C LEU A 228 3.44 -0.27 13.48
N ASP A 229 3.88 0.87 14.00
CA ASP A 229 3.69 1.15 15.40
C ASP A 229 2.33 1.79 15.61
N TYR A 230 1.49 1.12 16.41
CA TYR A 230 0.12 1.56 16.65
C TYR A 230 0.04 2.95 17.26
N LYS A 231 0.87 3.20 18.29
CA LYS A 231 0.98 4.52 18.91
C LYS A 231 1.35 5.61 17.93
N ILE A 232 2.35 5.32 17.11
CA ILE A 232 2.82 6.29 16.12
C ILE A 232 1.74 6.63 15.09
N LEU A 233 1.06 5.60 14.61
CA LEU A 233 -0.03 5.78 13.67
C LEU A 233 -1.15 6.54 14.33
N ALA A 234 -1.45 6.18 15.58
CA ALA A 234 -2.54 6.86 16.27
C ALA A 234 -2.17 8.31 16.52
N ASP A 235 -0.94 8.57 16.99
CA ASP A 235 -0.47 9.93 17.20
C ASP A 235 -0.44 10.76 15.90
N ASN A 236 -0.41 10.11 14.74
CA ASN A 236 -0.38 10.86 13.48
C ASN A 236 -1.60 10.71 12.58
N ASP A 237 -2.70 10.19 13.13
CA ASP A 237 -3.95 10.01 12.42
C ASP A 237 -3.72 9.24 11.12
N SER A 238 -2.88 8.23 11.24
CA SER A 238 -2.54 7.32 10.14
C SER A 238 -1.80 7.97 8.99
N MET A 239 -1.11 9.06 9.31
CA MET A 239 -0.38 9.82 8.31
C MET A 239 1.04 10.10 8.79
N PHE A 240 1.61 9.13 9.49
CA PHE A 240 3.00 9.21 9.83
C PHE A 240 3.81 9.25 8.56
N ASN A 241 3.43 8.47 7.54
CA ASN A 241 3.99 8.64 6.20
C ASN A 241 2.90 8.78 5.16
N THR A 242 3.27 8.78 3.88
CA THR A 242 2.27 8.93 2.85
C THR A 242 1.43 7.65 2.82
N PRO A 243 0.10 7.83 2.91
CA PRO A 243 -0.78 6.71 2.93
C PRO A 243 -1.24 6.31 1.53
N PRO A 244 -1.80 5.09 1.39
CA PRO A 244 -2.32 4.61 0.09
C PRO A 244 -3.61 5.30 -0.18
N THR A 245 -3.50 6.50 -0.69
CA THR A 245 -4.59 7.42 -0.73
C THR A 245 -5.78 6.95 -1.58
N PHE A 246 -5.54 6.30 -2.71
CA PHE A 246 -6.65 5.91 -3.57
C PHE A 246 -7.44 4.84 -2.87
N ALA A 247 -6.72 3.85 -2.36
CA ALA A 247 -7.28 2.79 -1.53
C ALA A 247 -8.11 3.33 -0.34
N TRP A 248 -7.64 4.37 0.29
CA TRP A 248 -8.35 4.96 1.44
C TRP A 248 -9.58 5.67 0.90
N TYR A 249 -9.46 6.42 -0.19
CA TYR A 249 -10.66 7.06 -0.75
C TYR A 249 -11.72 6.06 -1.12
N LEU A 250 -11.29 4.93 -1.68
CA LEU A 250 -12.22 3.90 -2.13
C LEU A 250 -12.95 3.19 -1.01
N SER A 251 -12.19 2.83 0.04
CA SER A 251 -12.77 2.24 1.24
C SER A 251 -13.78 3.23 1.84
N GLY A 252 -13.48 4.51 1.80
CA GLY A 252 -14.45 5.55 2.13
C GLY A 252 -15.71 5.47 1.28
N LEU A 253 -15.56 5.37 -0.03
CA LEU A 253 -16.75 5.16 -0.90
C LEU A 253 -17.51 3.94 -0.41
N VAL A 254 -16.77 2.87 -0.07
CA VAL A 254 -17.44 1.65 0.32
C VAL A 254 -18.19 1.84 1.65
N PHE A 255 -17.69 2.66 2.55
CA PHE A 255 -18.46 2.93 3.77
C PHE A 255 -19.73 3.72 3.49
N LYS A 256 -19.61 4.68 2.58
CA LYS A 256 -20.79 5.37 2.14
C LYS A 256 -21.80 4.39 1.59
N TRP A 257 -21.36 3.55 0.69
CA TRP A 257 -22.30 2.60 0.11
C TRP A 257 -22.91 1.74 1.21
N LEU A 258 -22.11 1.32 2.17
CA LEU A 258 -22.67 0.51 3.26
C LEU A 258 -23.80 1.21 4.00
N LYS A 259 -23.60 2.49 4.35
CA LYS A 259 -24.69 3.29 4.93
C LYS A 259 -25.94 3.40 4.02
N GLU A 260 -25.72 3.59 2.70
CA GLU A 260 -26.84 3.62 1.70
C GLU A 260 -27.61 2.35 1.74
N GLN A 261 -26.95 1.24 2.10
CA GLN A 261 -27.63 -0.05 2.05
C GLN A 261 -28.42 -0.37 3.30
N GLY A 262 -28.25 0.43 4.36
CA GLY A 262 -28.90 0.15 5.68
C GLY A 262 -27.98 -0.30 6.80
N GLY A 263 -26.70 -0.27 6.52
CA GLY A 263 -25.71 -0.67 7.51
C GLY A 263 -25.54 -2.16 7.68
N LEU A 264 -24.76 -2.54 8.69
CA LEU A 264 -24.38 -3.92 8.94
C LEU A 264 -25.51 -4.82 9.41
N GLY A 265 -26.58 -4.22 9.94
CA GLY A 265 -27.78 -5.01 10.27
C GLY A 265 -28.40 -5.54 8.99
N GLU A 266 -28.33 -4.73 7.95
CA GLU A 266 -28.98 -5.05 6.70
C GLU A 266 -28.00 -5.96 5.94
N MET A 267 -26.70 -5.69 6.00
CA MET A 267 -25.68 -6.60 5.45
C MET A 267 -25.78 -8.01 6.01
N GLU A 268 -25.97 -8.13 7.33
CA GLU A 268 -26.17 -9.45 7.94
C GLU A 268 -27.34 -10.22 7.27
N LYS A 269 -28.44 -9.53 7.00
CA LYS A 269 -29.63 -10.20 6.41
C LYS A 269 -29.36 -10.61 4.97
N ARG A 270 -28.74 -9.71 4.24
CA ARG A 270 -28.47 -10.02 2.86
C ARG A 270 -27.51 -11.16 2.75
N ASN A 271 -26.53 -11.16 3.65
CA ASN A 271 -25.47 -12.15 3.61
C ASN A 271 -25.92 -13.54 4.09
N GLN A 272 -26.75 -13.57 5.14
CA GLN A 272 -27.39 -14.84 5.55
C GLN A 272 -28.22 -15.41 4.40
N ALA A 273 -29.05 -14.56 3.80
CA ALA A 273 -29.85 -15.00 2.64
C ALA A 273 -28.96 -15.61 1.52
N LYS A 274 -27.83 -14.97 1.23
CA LYS A 274 -26.97 -15.46 0.18
C LYS A 274 -26.40 -16.79 0.56
N ALA A 275 -25.92 -16.92 1.79
CA ALA A 275 -25.21 -18.14 2.20
C ALA A 275 -26.18 -19.32 2.23
N GLU A 276 -27.38 -19.08 2.78
CA GLU A 276 -28.38 -20.12 2.81
C GLU A 276 -28.74 -20.61 1.39
N LEU A 277 -28.86 -19.70 0.42
CA LEU A 277 -29.09 -20.06 -1.00
C LEU A 277 -28.03 -21.02 -1.50
N LEU A 278 -26.77 -20.68 -1.34
CA LEU A 278 -25.67 -21.46 -1.89
C LEU A 278 -25.46 -22.75 -1.13
N TYR A 279 -25.47 -22.65 0.18
CA TYR A 279 -25.33 -23.86 0.94
C TYR A 279 -26.49 -24.80 0.66
N GLY A 280 -27.67 -24.23 0.40
CA GLY A 280 -28.85 -25.01 0.07
C GLY A 280 -28.63 -25.75 -1.24
N ALA A 281 -28.05 -25.04 -2.20
CA ALA A 281 -27.89 -25.67 -3.48
C ALA A 281 -26.85 -26.83 -3.35
N ILE A 282 -25.84 -26.66 -2.50
CA ILE A 282 -24.83 -27.69 -2.26
C ILE A 282 -25.43 -28.91 -1.53
N ASP A 283 -26.24 -28.63 -0.51
CA ASP A 283 -26.82 -29.65 0.34
C ASP A 283 -27.99 -30.43 -0.27
N ARG A 284 -28.80 -29.84 -1.14
CA ARG A 284 -29.92 -30.57 -1.81
C ARG A 284 -29.45 -31.83 -2.51
N THR A 285 -28.22 -31.81 -3.01
CA THR A 285 -27.75 -32.87 -3.88
C THR A 285 -26.46 -33.49 -3.40
N GLY A 286 -26.21 -34.71 -3.85
CA GLY A 286 -24.99 -35.46 -3.56
C GLY A 286 -23.92 -35.14 -4.58
N PHE A 287 -24.34 -34.47 -5.64
CA PHE A 287 -23.47 -34.12 -6.73
C PHE A 287 -22.41 -33.12 -6.29
N TYR A 288 -22.72 -32.28 -5.30
CA TYR A 288 -21.73 -31.35 -4.73
C TYR A 288 -21.64 -31.62 -3.22
N ARG A 289 -20.51 -31.25 -2.62
CA ARG A 289 -20.25 -31.54 -1.22
C ARG A 289 -19.55 -30.33 -0.60
N ASN A 290 -19.92 -30.07 0.65
CA ASN A 290 -19.18 -29.19 1.52
C ASN A 290 -19.09 -29.91 2.82
N ASP A 291 -17.90 -30.07 3.35
CA ASP A 291 -17.72 -30.82 4.56
C ASP A 291 -17.35 -29.94 5.79
N VAL A 292 -17.94 -28.76 5.92
CA VAL A 292 -17.78 -27.99 7.16
C VAL A 292 -19.03 -28.05 8.05
N ALA A 293 -18.83 -28.19 9.35
CA ALA A 293 -19.95 -28.32 10.32
C ALA A 293 -20.84 -27.10 10.19
N ILE A 294 -22.15 -27.31 10.22
CA ILE A 294 -23.11 -26.27 9.90
C ILE A 294 -22.93 -25.05 10.75
N THR A 295 -22.57 -25.27 11.99
CA THR A 295 -22.41 -24.19 12.94
C THR A 295 -21.22 -23.30 12.56
N ASN A 296 -20.23 -23.87 11.89
CA ASN A 296 -19.01 -23.13 11.56
C ASN A 296 -18.90 -22.74 10.08
N ARG A 297 -19.98 -22.83 9.32
CA ARG A 297 -19.93 -22.46 7.89
C ARG A 297 -19.80 -20.96 7.63
N SER A 298 -18.77 -20.55 6.86
CA SER A 298 -18.58 -19.13 6.52
C SER A 298 -19.66 -18.69 5.56
N TRP A 299 -20.14 -17.49 5.75
CA TRP A 299 -21.08 -16.92 4.83
C TRP A 299 -20.34 -16.29 3.70
N MET A 300 -19.04 -16.14 3.87
CA MET A 300 -18.28 -15.25 3.01
C MET A 300 -17.53 -16.07 1.97
N ASN A 301 -16.93 -17.16 2.44
CA ASN A 301 -16.11 -18.03 1.60
C ASN A 301 -16.65 -19.44 1.62
N VAL A 302 -17.16 -19.88 0.47
CA VAL A 302 -17.83 -21.18 0.35
C VAL A 302 -17.12 -22.21 -0.54
N PRO A 303 -16.25 -23.00 0.06
CA PRO A 303 -15.59 -24.03 -0.73
C PRO A 303 -16.56 -25.19 -1.01
N PHE A 304 -16.39 -25.87 -2.14
CA PHE A 304 -17.15 -27.08 -2.43
C PHE A 304 -16.55 -27.91 -3.52
N GLN A 305 -16.83 -29.20 -3.45
CA GLN A 305 -16.24 -30.17 -4.31
C GLN A 305 -17.31 -30.89 -5.05
N MET A 306 -16.94 -31.55 -6.14
CA MET A 306 -17.87 -32.42 -6.86
C MET A 306 -17.64 -33.86 -6.49
N ALA A 307 -18.72 -34.65 -6.52
CA ALA A 307 -18.61 -36.03 -6.12
C ALA A 307 -17.60 -36.61 -7.05
N ASP A 308 -17.74 -36.22 -8.32
CA ASP A 308 -16.85 -36.65 -9.35
C ASP A 308 -15.86 -35.55 -9.74
N ALA A 309 -14.67 -35.59 -9.14
CA ALA A 309 -13.66 -34.51 -9.27
C ALA A 309 -13.08 -34.38 -10.68
N SER A 310 -13.18 -35.42 -11.48
CA SER A 310 -12.75 -35.32 -12.85
C SER A 310 -13.53 -34.28 -13.66
N LEU A 311 -14.60 -33.68 -13.12
CA LEU A 311 -15.35 -32.63 -13.82
C LEU A 311 -14.93 -31.19 -13.46
N ASP A 312 -14.05 -31.00 -12.48
CA ASP A 312 -13.66 -29.65 -12.04
C ASP A 312 -13.38 -28.67 -13.20
N LYS A 313 -12.50 -29.05 -14.12
CA LYS A 313 -12.06 -28.11 -15.13
C LYS A 313 -13.20 -27.70 -16.03
N LEU A 314 -14.04 -28.66 -16.34
CA LEU A 314 -15.14 -28.44 -17.21
C LEU A 314 -16.18 -27.53 -16.49
N PHE A 315 -16.30 -27.71 -15.20
CA PHE A 315 -17.22 -26.95 -14.42
C PHE A 315 -16.76 -25.48 -14.44
N LEU A 316 -15.47 -25.28 -14.22
CA LEU A 316 -14.87 -23.93 -14.16
C LEU A 316 -14.89 -23.25 -15.55
N SER A 317 -14.57 -23.99 -16.59
CA SER A 317 -14.61 -23.41 -17.90
C SER A 317 -16.05 -23.04 -18.33
N GLU A 318 -17.04 -23.89 -18.02
CA GLU A 318 -18.38 -23.61 -18.47
C GLU A 318 -19.02 -22.45 -17.64
N ALA A 319 -18.61 -22.36 -16.39
CA ALA A 319 -19.06 -21.30 -15.51
C ALA A 319 -18.59 -19.95 -16.04
N GLU A 320 -17.30 -19.94 -16.41
CA GLU A 320 -16.66 -18.73 -16.90
C GLU A 320 -17.30 -18.29 -18.22
N ALA A 321 -17.71 -19.26 -19.03
CA ALA A 321 -18.36 -18.92 -20.28
C ALA A 321 -19.75 -18.35 -20.04
N GLN A 322 -20.35 -18.67 -18.90
CA GLN A 322 -21.58 -18.03 -18.52
C GLN A 322 -21.34 -16.84 -17.59
N GLY A 323 -20.09 -16.39 -17.47
CA GLY A 323 -19.74 -15.16 -16.80
C GLY A 323 -19.42 -15.30 -15.34
N LEU A 324 -19.35 -16.54 -14.87
CA LEU A 324 -19.11 -16.81 -13.47
C LEU A 324 -17.64 -17.05 -13.30
N GLN A 325 -16.94 -16.04 -12.77
CA GLN A 325 -15.49 -16.08 -12.70
C GLN A 325 -14.83 -16.30 -11.31
N ALA A 326 -13.59 -16.80 -11.38
CA ALA A 326 -12.69 -16.94 -10.23
C ALA A 326 -13.30 -17.82 -9.21
N LEU A 327 -13.72 -19.00 -9.63
CA LEU A 327 -14.35 -19.98 -8.75
C LEU A 327 -13.44 -21.14 -8.41
N LYS A 328 -12.19 -21.10 -8.84
CA LYS A 328 -11.28 -22.20 -8.59
C LYS A 328 -11.02 -22.33 -7.09
N GLY A 329 -11.04 -23.56 -6.57
CA GLY A 329 -10.73 -23.82 -5.17
C GLY A 329 -9.23 -23.81 -4.87
N HIS A 330 -8.86 -24.13 -3.62
CA HIS A 330 -7.45 -24.30 -3.21
C HIS A 330 -6.91 -25.64 -3.68
N ARG A 331 -5.62 -25.67 -4.01
CA ARG A 331 -4.92 -26.88 -4.51
C ARG A 331 -5.24 -28.15 -3.70
N VAL A 332 -5.14 -28.03 -2.37
CA VAL A 332 -5.35 -29.15 -1.43
C VAL A 332 -6.71 -29.81 -1.60
N ALA A 333 -7.78 -29.03 -1.45
CA ALA A 333 -9.13 -29.53 -1.63
C ALA A 333 -9.41 -29.77 -3.11
N GLY A 334 -8.87 -28.92 -3.98
CA GLY A 334 -9.28 -28.89 -5.39
C GLY A 334 -10.72 -28.37 -5.43
N GLY A 335 -11.48 -28.79 -6.42
CA GLY A 335 -12.85 -28.35 -6.53
C GLY A 335 -12.98 -26.83 -6.56
N MET A 336 -14.03 -26.33 -5.96
CA MET A 336 -14.41 -24.95 -6.12
C MET A 336 -14.43 -24.13 -4.83
N ARG A 337 -14.34 -22.81 -4.99
CA ARG A 337 -14.59 -21.85 -3.88
C ARG A 337 -15.29 -20.63 -4.42
N ALA A 338 -16.44 -20.31 -3.85
CA ALA A 338 -17.15 -19.13 -4.25
C ALA A 338 -17.10 -18.19 -3.07
N SER A 339 -16.47 -17.05 -3.27
CA SER A 339 -16.45 -16.04 -2.25
C SER A 339 -17.56 -15.04 -2.61
N ILE A 340 -18.37 -14.72 -1.63
CA ILE A 340 -19.60 -14.02 -1.88
C ILE A 340 -19.75 -12.90 -0.89
N TYR A 341 -18.80 -11.97 -1.02
CA TYR A 341 -18.66 -10.87 -0.12
C TYR A 341 -19.79 -9.87 -0.23
N ASN A 342 -19.69 -8.78 0.54
CA ASN A 342 -20.73 -7.75 0.63
C ASN A 342 -21.14 -7.26 -0.74
N ALA A 343 -20.16 -6.94 -1.57
CA ALA A 343 -20.40 -6.43 -2.92
C ALA A 343 -21.26 -7.36 -3.79
N MET A 344 -21.20 -8.67 -3.50
CA MET A 344 -21.91 -9.68 -4.30
C MET A 344 -23.42 -9.67 -4.02
N PRO A 345 -24.23 -9.35 -5.06
CA PRO A 345 -25.66 -9.36 -4.77
C PRO A 345 -26.21 -10.77 -4.81
N ILE A 346 -27.39 -10.95 -4.23
CA ILE A 346 -28.01 -12.30 -4.20
C ILE A 346 -28.20 -12.80 -5.63
N GLU A 347 -28.43 -11.91 -6.60
CA GLU A 347 -28.59 -12.35 -8.00
C GLU A 347 -27.31 -13.00 -8.52
N GLY A 348 -26.18 -12.50 -8.10
CA GLY A 348 -24.93 -13.18 -8.37
C GLY A 348 -24.96 -14.63 -7.94
N VAL A 349 -25.46 -14.86 -6.73
CA VAL A 349 -25.38 -16.19 -6.14
C VAL A 349 -26.40 -17.09 -6.82
N LYS A 350 -27.52 -16.48 -7.27
CA LYS A 350 -28.62 -17.22 -7.90
C LYS A 350 -28.14 -17.71 -9.27
N ALA A 351 -27.56 -16.81 -10.05
CA ALA A 351 -26.81 -17.22 -11.25
C ALA A 351 -25.86 -18.41 -11.04
N LEU A 352 -25.13 -18.46 -9.93
CA LEU A 352 -24.18 -19.56 -9.72
C LEU A 352 -24.98 -20.82 -9.42
N THR A 353 -26.00 -20.71 -8.56
CA THR A 353 -26.75 -21.91 -8.23
C THR A 353 -27.62 -22.39 -9.39
N ASP A 354 -28.18 -21.50 -10.22
CA ASP A 354 -28.77 -21.97 -11.48
C ASP A 354 -27.76 -22.78 -12.25
N PHE A 355 -26.55 -22.25 -12.32
CA PHE A 355 -25.59 -22.87 -13.14
C PHE A 355 -25.20 -24.21 -12.58
N MET A 356 -25.01 -24.26 -11.27
CA MET A 356 -24.73 -25.52 -10.63
C MET A 356 -25.85 -26.52 -10.92
N ALA A 357 -27.09 -26.06 -10.87
CA ALA A 357 -28.21 -27.00 -11.09
C ALA A 357 -28.17 -27.55 -12.50
N ASP A 358 -27.99 -26.70 -13.48
CA ASP A 358 -28.12 -27.21 -14.82
C ASP A 358 -26.81 -27.92 -15.28
N PHE A 359 -25.71 -27.70 -14.57
CA PHE A 359 -24.52 -28.52 -14.76
C PHE A 359 -24.70 -29.91 -14.24
N GLU A 360 -25.44 -30.05 -13.17
CA GLU A 360 -25.71 -31.38 -12.65
C GLU A 360 -26.72 -32.11 -13.52
N ARG A 361 -27.75 -31.40 -13.99
CA ARG A 361 -28.67 -31.91 -15.02
C ARG A 361 -27.92 -32.54 -16.20
N ARG A 362 -26.99 -31.79 -16.82
CA ARG A 362 -26.24 -32.28 -17.99
C ARG A 362 -25.34 -33.47 -17.66
N HIS A 363 -24.61 -33.38 -16.57
CA HIS A 363 -23.64 -34.40 -16.25
C HIS A 363 -24.15 -35.12 -15.02
N GLN B 6 -6.81 24.82 -18.58
CA GLN B 6 -5.94 23.65 -18.26
C GLN B 6 -5.47 23.71 -16.80
N VAL B 7 -5.44 22.57 -16.13
CA VAL B 7 -4.94 22.50 -14.77
C VAL B 7 -3.57 21.87 -14.85
N TYR B 8 -2.63 22.48 -14.14
CA TYR B 8 -1.36 21.87 -13.91
C TYR B 8 -1.14 21.78 -12.41
N ASN B 9 -0.59 20.65 -11.99
CA ASN B 9 -0.59 20.27 -10.61
C ASN B 9 0.84 19.96 -10.19
N PHE B 10 1.42 20.92 -9.45
CA PHE B 10 2.81 20.94 -9.03
C PHE B 10 3.09 20.29 -7.67
N SER B 11 2.16 19.47 -7.23
CA SER B 11 2.30 18.75 -6.01
C SER B 11 3.52 17.82 -5.96
N ALA B 12 4.14 17.82 -4.78
CA ALA B 12 5.40 17.14 -4.54
C ALA B 12 5.25 15.67 -4.28
N GLY B 13 4.05 15.26 -3.88
CA GLY B 13 3.80 13.87 -3.57
C GLY B 13 2.73 13.65 -2.54
N PRO B 14 1.70 12.82 -2.87
CA PRO B 14 1.45 12.29 -4.22
C PRO B 14 1.38 13.38 -5.25
N ALA B 15 1.68 12.99 -6.48
CA ALA B 15 1.97 13.86 -7.56
C ALA B 15 1.15 13.50 -8.80
N MET B 16 1.23 14.37 -9.81
CA MET B 16 0.67 14.14 -11.13
C MET B 16 1.11 12.83 -11.74
N LEU B 17 0.14 12.14 -12.36
CA LEU B 17 0.42 11.03 -13.24
C LEU B 17 0.37 11.49 -14.69
N PRO B 18 1.03 10.73 -15.59
CA PRO B 18 0.90 11.17 -16.98
C PRO B 18 -0.53 11.08 -17.40
N VAL B 19 -0.99 12.16 -18.03
CA VAL B 19 -2.33 12.31 -18.45
C VAL B 19 -2.82 11.10 -19.28
N GLU B 20 -1.99 10.63 -20.21
CA GLU B 20 -2.40 9.46 -21.02
C GLU B 20 -2.53 8.17 -20.23
N VAL B 21 -1.72 8.01 -19.20
CA VAL B 21 -1.89 6.86 -18.30
C VAL B 21 -3.24 6.94 -17.64
N LEU B 22 -3.58 8.12 -17.13
CA LEU B 22 -4.89 8.26 -16.49
C LEU B 22 -6.09 8.15 -17.47
N ARG B 23 -5.93 8.56 -18.72
CA ARG B 23 -7.06 8.38 -19.66
C ARG B 23 -7.28 6.88 -19.98
N ARG B 24 -6.19 6.13 -20.16
CA ARG B 24 -6.28 4.68 -20.31
C ARG B 24 -6.92 4.01 -19.05
N ALA B 25 -6.42 4.30 -17.85
CA ALA B 25 -6.96 3.65 -16.66
C ALA B 25 -8.46 3.93 -16.52
N GLN B 26 -8.86 5.16 -16.82
CA GLN B 26 -10.28 5.55 -16.78
C GLN B 26 -11.08 4.64 -17.72
N GLN B 27 -10.58 4.46 -18.94
CA GLN B 27 -11.30 3.67 -19.90
C GLN B 27 -11.35 2.18 -19.64
N GLU B 28 -10.49 1.65 -18.80
CA GLU B 28 -10.55 0.24 -18.48
C GLU B 28 -10.84 0.01 -17.00
N LEU B 29 -11.24 1.06 -16.31
CA LEU B 29 -11.43 0.94 -14.89
C LEU B 29 -12.41 -0.17 -14.57
N ARG B 30 -13.49 -0.28 -15.33
CA ARG B 30 -14.55 -1.22 -14.98
C ARG B 30 -14.53 -2.46 -15.82
N ASP B 31 -13.94 -2.42 -17.02
CA ASP B 31 -13.91 -3.58 -17.89
C ASP B 31 -12.55 -3.72 -18.49
N TRP B 32 -11.61 -4.21 -17.68
CA TRP B 32 -10.20 -4.44 -18.06
C TRP B 32 -10.02 -5.68 -18.92
N HIS B 33 -9.30 -5.55 -20.05
CA HIS B 33 -8.91 -6.73 -20.82
C HIS B 33 -10.13 -7.49 -21.37
N GLY B 34 -11.32 -6.90 -21.31
CA GLY B 34 -12.54 -7.61 -21.74
C GLY B 34 -13.18 -8.56 -20.72
N LEU B 35 -12.50 -8.81 -19.61
CA LEU B 35 -13.00 -9.65 -18.50
C LEU B 35 -14.28 -9.20 -17.76
N GLY B 36 -14.73 -7.98 -17.98
CA GLY B 36 -15.97 -7.42 -17.40
C GLY B 36 -15.80 -6.98 -15.97
N THR B 37 -14.56 -6.67 -15.63
CA THR B 37 -14.11 -6.43 -14.28
C THR B 37 -12.87 -5.53 -14.28
N SER B 38 -12.65 -4.80 -13.19
CA SER B 38 -11.45 -3.97 -12.97
C SER B 38 -10.21 -4.78 -12.69
N VAL B 39 -9.04 -4.22 -12.98
CA VAL B 39 -7.77 -4.83 -12.57
C VAL B 39 -7.64 -4.83 -11.03
N MET B 40 -8.40 -3.97 -10.39
CA MET B 40 -8.49 -3.86 -8.94
C MET B 40 -9.19 -5.04 -8.29
N GLU B 41 -9.92 -5.82 -9.10
CA GLU B 41 -10.89 -6.76 -8.53
C GLU B 41 -10.48 -8.25 -8.61
N VAL B 42 -9.26 -8.49 -9.10
CA VAL B 42 -8.81 -9.83 -9.49
C VAL B 42 -7.59 -10.30 -8.67
N SER B 43 -7.37 -11.61 -8.70
CA SER B 43 -6.26 -12.20 -8.00
C SER B 43 -4.97 -11.64 -8.55
N HIS B 44 -4.05 -11.38 -7.63
CA HIS B 44 -2.67 -11.14 -7.98
C HIS B 44 -2.02 -12.36 -8.59
N ARG B 45 -2.64 -13.52 -8.39
CA ARG B 45 -2.16 -14.77 -8.97
C ARG B 45 -2.91 -15.18 -10.25
N SER B 46 -3.63 -14.25 -10.85
CA SER B 46 -4.20 -14.52 -12.15
C SER B 46 -3.14 -14.40 -13.21
N LYS B 47 -3.34 -15.10 -14.30
CA LYS B 47 -2.52 -14.94 -15.49
C LYS B 47 -2.53 -13.50 -16.00
N GLU B 48 -3.68 -12.85 -15.94
CA GLU B 48 -3.75 -11.47 -16.37
C GLU B 48 -2.89 -10.55 -15.46
N PHE B 49 -3.02 -10.63 -14.15
CA PHE B 49 -2.18 -9.77 -13.28
C PHE B 49 -0.72 -10.19 -13.26
N MET B 50 -0.44 -11.48 -13.38
CA MET B 50 0.94 -11.97 -13.41
C MET B 50 1.67 -11.43 -14.64
N GLN B 51 0.93 -11.26 -15.72
CA GLN B 51 1.47 -10.70 -16.97
C GLN B 51 1.85 -9.23 -16.75
N VAL B 52 0.95 -8.48 -16.10
CA VAL B 52 1.25 -7.14 -15.63
C VAL B 52 2.51 -7.08 -14.79
N ALA B 53 2.61 -7.95 -13.79
CA ALA B 53 3.78 -7.95 -12.90
C ALA B 53 5.09 -8.21 -13.69
N GLU B 54 5.07 -9.19 -14.56
CA GLU B 54 6.26 -9.54 -15.30
C GLU B 54 6.68 -8.45 -16.30
N GLU B 55 5.70 -7.85 -16.98
CA GLU B 55 5.99 -6.84 -17.96
C GLU B 55 6.53 -5.59 -17.26
N SER B 56 5.86 -5.15 -16.21
CA SER B 56 6.35 -4.01 -15.47
C SER B 56 7.78 -4.24 -15.05
N GLU B 57 8.11 -5.37 -14.46
CA GLU B 57 9.49 -5.57 -14.01
C GLU B 57 10.42 -5.51 -15.21
N LYS B 58 10.06 -6.20 -16.29
CA LYS B 58 10.84 -6.15 -17.49
C LYS B 58 10.97 -4.71 -18.06
N ASP B 59 9.88 -3.94 -18.17
CA ASP B 59 10.04 -2.58 -18.74
C ASP B 59 10.96 -1.69 -17.83
N LEU B 60 10.85 -1.87 -16.53
CA LEU B 60 11.76 -1.17 -15.63
C LEU B 60 13.22 -1.51 -15.89
N ARG B 61 13.50 -2.78 -16.07
CA ARG B 61 14.90 -3.23 -16.25
C ARG B 61 15.49 -2.61 -17.49
N ASP B 62 14.68 -2.56 -18.54
CA ASP B 62 15.11 -1.98 -19.77
C ASP B 62 15.27 -0.44 -19.65
N LEU B 63 14.38 0.22 -18.91
CA LEU B 63 14.38 1.68 -18.85
C LEU B 63 15.63 2.15 -18.13
N LEU B 64 15.93 1.53 -16.99
CA LEU B 64 17.07 1.92 -16.20
C LEU B 64 18.34 1.16 -16.54
N ASN B 65 18.21 0.12 -17.41
CA ASN B 65 19.34 -0.79 -17.67
C ASN B 65 19.75 -1.50 -16.39
N VAL B 66 18.81 -2.16 -15.71
CA VAL B 66 19.17 -2.84 -14.50
C VAL B 66 19.93 -4.08 -14.97
N PRO B 67 21.10 -4.34 -14.38
CA PRO B 67 21.80 -5.57 -14.73
C PRO B 67 21.16 -6.81 -14.10
N ALA B 68 21.55 -7.95 -14.65
CA ALA B 68 20.98 -9.27 -14.35
C ALA B 68 21.05 -9.65 -12.89
N ASN B 69 22.10 -9.18 -12.22
CA ASN B 69 22.36 -9.54 -10.82
C ASN B 69 21.65 -8.64 -9.78
N TYR B 70 20.75 -7.77 -10.23
CA TYR B 70 19.86 -7.04 -9.31
C TYR B 70 18.43 -7.58 -9.36
N LYS B 71 17.84 -7.64 -8.17
CA LYS B 71 16.43 -7.92 -7.98
C LYS B 71 15.65 -6.62 -8.06
N VAL B 72 14.48 -6.67 -8.70
CA VAL B 72 13.55 -5.59 -8.71
C VAL B 72 12.35 -6.00 -7.85
N LEU B 73 12.11 -5.26 -6.79
CA LEU B 73 11.09 -5.60 -5.81
C LEU B 73 10.10 -4.46 -5.68
N PHE B 74 8.84 -4.83 -5.61
CA PHE B 74 7.70 -3.97 -5.37
C PHE B 74 7.12 -4.23 -4.00
N CYS B 75 7.10 -3.20 -3.17
CA CYS B 75 6.90 -3.33 -1.77
C CYS B 75 5.85 -2.47 -1.22
N HIS B 76 5.30 -2.90 -0.10
CA HIS B 76 4.44 -2.08 0.70
C HIS B 76 5.28 -1.12 1.49
N GLY B 77 4.70 -0.02 1.90
CA GLY B 77 5.16 0.67 3.13
C GLY B 77 5.66 2.11 2.97
N GLY B 78 5.93 2.52 1.72
CA GLY B 78 6.52 3.81 1.43
C GLY B 78 7.99 3.82 1.77
N ALA B 79 8.65 4.94 1.54
CA ALA B 79 10.09 5.03 1.75
C ALA B 79 10.41 5.06 3.24
N ARG B 80 9.46 5.51 4.07
CA ARG B 80 9.66 5.47 5.50
C ARG B 80 9.75 4.07 6.03
N ALA B 81 9.14 3.12 5.34
CA ALA B 81 9.30 1.71 5.68
C ALA B 81 10.71 1.23 5.28
N GLN B 82 11.25 1.76 4.19
CA GLN B 82 12.63 1.38 3.82
C GLN B 82 13.65 1.99 4.79
N PHE B 83 13.29 3.05 5.50
CA PHE B 83 14.21 3.57 6.53
C PHE B 83 14.47 2.52 7.61
N ALA B 84 13.57 1.55 7.75
CA ALA B 84 13.82 0.48 8.72
C ALA B 84 14.30 -0.76 7.96
N ALA B 85 13.73 -0.96 6.79
CA ALA B 85 14.00 -2.15 6.02
C ALA B 85 15.43 -2.14 5.54
N VAL B 86 16.00 -0.96 5.30
CA VAL B 86 17.41 -0.92 4.93
C VAL B 86 18.34 -1.46 6.07
N PRO B 87 18.30 -0.87 7.28
CA PRO B 87 19.22 -1.42 8.36
C PRO B 87 18.99 -2.91 8.67
N LEU B 88 17.74 -3.32 8.78
CA LEU B 88 17.40 -4.68 9.16
C LEU B 88 17.83 -5.69 8.09
N ASN B 89 17.70 -5.32 6.81
CA ASN B 89 18.16 -6.19 5.75
C ASN B 89 19.67 -6.25 5.67
N LEU B 90 20.36 -5.14 5.96
CA LEU B 90 21.74 -4.97 5.47
C LEU B 90 22.86 -4.84 6.54
N LEU B 91 22.51 -4.71 7.81
CA LEU B 91 23.53 -4.43 8.82
C LEU B 91 24.47 -5.61 9.06
N GLY B 92 23.92 -6.83 9.02
CA GLY B 92 24.63 -8.03 9.39
C GLY B 92 25.09 -7.90 10.84
N ASP B 93 26.32 -8.31 11.10
CA ASP B 93 26.90 -8.26 12.43
C ASP B 93 27.65 -6.94 12.68
N ARG B 94 27.40 -5.94 11.85
CA ARG B 94 27.95 -4.62 12.01
C ARG B 94 27.08 -3.74 12.88
N ASN B 95 27.73 -2.91 13.68
CA ASN B 95 27.05 -2.05 14.64
C ASN B 95 26.53 -0.70 14.13
N SER B 96 27.09 -0.24 12.99
CA SER B 96 26.88 1.09 12.42
C SER B 96 26.82 1.13 10.88
N ALA B 97 26.31 2.21 10.33
CA ALA B 97 26.30 2.43 8.87
C ALA B 97 26.51 3.89 8.63
N ASP B 98 27.07 4.25 7.48
CA ASP B 98 27.31 5.65 7.23
C ASP B 98 26.02 6.30 6.68
N TYR B 99 25.59 7.40 7.34
CA TYR B 99 24.44 8.22 6.92
C TYR B 99 24.83 9.65 6.56
N VAL B 100 24.78 9.89 5.25
CA VAL B 100 25.05 11.15 4.65
C VAL B 100 23.85 12.03 4.82
N ASP B 101 24.07 13.20 5.38
CA ASP B 101 23.01 14.06 5.82
C ASP B 101 23.13 15.41 5.16
N GLY B 102 22.23 15.68 4.21
CA GLY B 102 22.15 16.99 3.58
C GLY B 102 20.72 17.52 3.47
N GLY B 103 19.84 17.10 4.37
CA GLY B 103 18.50 17.62 4.39
C GLY B 103 17.49 16.71 5.06
N TYR B 104 16.22 17.10 4.86
CA TYR B 104 15.15 16.56 5.70
C TYR B 104 15.05 15.05 5.60
N TRP B 105 15.13 14.54 4.39
CA TRP B 105 14.76 13.15 4.16
C TRP B 105 15.87 12.23 4.51
N ALA B 106 17.09 12.64 4.19
CA ALA B 106 18.26 11.99 4.77
C ALA B 106 18.26 12.09 6.31
N HIS B 107 17.76 13.18 6.90
CA HIS B 107 17.73 13.24 8.38
C HIS B 107 16.74 12.21 8.89
N SER B 108 15.57 12.15 8.28
CA SER B 108 14.55 11.21 8.75
C SER B 108 15.03 9.73 8.73
N ALA B 109 15.85 9.38 7.75
CA ALA B 109 16.37 8.02 7.67
C ALA B 109 17.25 7.70 8.91
N ILE B 110 18.02 8.69 9.31
CA ILE B 110 18.89 8.56 10.47
C ILE B 110 18.11 8.19 11.74
N LYS B 111 16.96 8.81 11.94
CA LYS B 111 16.24 8.66 13.23
C LYS B 111 15.62 7.27 13.37
N GLU B 112 15.06 6.80 12.25
CA GLU B 112 14.64 5.41 12.12
C GLU B 112 15.84 4.44 12.31
N ALA B 113 16.98 4.69 11.68
CA ALA B 113 18.14 3.77 11.83
C ALA B 113 18.64 3.69 13.27
N GLN B 114 18.32 4.69 14.09
CA GLN B 114 18.70 4.69 15.49
C GLN B 114 18.06 3.51 16.23
N LYS B 115 16.89 3.06 15.77
CA LYS B 115 16.28 1.87 16.35
C LYS B 115 17.18 0.61 16.23
N TYR B 116 18.00 0.56 15.18
CA TYR B 116 18.68 -0.67 14.80
C TYR B 116 20.16 -0.66 14.96
N CYS B 117 20.73 0.55 14.97
CA CYS B 117 22.19 0.72 14.97
C CYS B 117 22.53 2.06 15.57
N THR B 118 23.81 2.38 15.57
CA THR B 118 24.27 3.69 16.00
C THR B 118 24.91 4.30 14.76
N PRO B 119 24.12 5.10 14.03
CA PRO B 119 24.56 5.54 12.75
C PRO B 119 25.67 6.58 12.85
N ASN B 120 26.50 6.62 11.82
CA ASN B 120 27.57 7.60 11.68
C ASN B 120 27.06 8.71 10.79
N VAL B 121 26.83 9.86 11.41
CA VAL B 121 26.17 10.97 10.77
C VAL B 121 27.21 11.91 10.22
N ILE B 122 27.28 11.94 8.89
CA ILE B 122 28.21 12.82 8.17
C ILE B 122 27.44 14.01 7.62
N ASP B 123 27.63 15.19 8.20
CA ASP B 123 27.01 16.41 7.66
C ASP B 123 27.76 16.94 6.44
N VAL B 124 27.06 16.97 5.31
CA VAL B 124 27.65 17.17 3.99
C VAL B 124 27.20 18.50 3.34
N THR B 125 26.39 19.28 4.06
CA THR B 125 25.95 20.55 3.55
C THR B 125 27.03 21.61 3.61
N THR B 126 27.06 22.43 2.57
CA THR B 126 27.88 23.63 2.54
C THR B 126 26.94 24.84 2.56
N HIS B 127 27.49 26.01 2.86
CA HIS B 127 26.73 27.25 2.94
C HIS B 127 27.66 28.38 2.54
N ASP B 128 27.43 29.00 1.38
CA ASP B 128 28.31 30.05 0.86
C ASP B 128 27.58 31.14 0.13
N ASN B 129 27.34 32.26 0.81
CA ASN B 129 26.67 33.41 0.21
C ASN B 129 25.18 33.49 0.56
N GLY B 130 24.69 32.53 1.34
CA GLY B 130 23.25 32.31 1.55
C GLY B 130 22.84 31.11 0.71
N LEU B 131 23.80 30.64 -0.09
CA LEU B 131 23.61 29.56 -1.05
C LEU B 131 23.90 28.23 -0.40
N THR B 132 22.93 27.33 -0.43
CA THR B 132 23.13 26.02 0.15
C THR B 132 23.65 25.04 -0.89
N GLY B 133 24.62 24.23 -0.49
CA GLY B 133 25.25 23.29 -1.41
C GLY B 133 25.65 22.00 -0.75
N ILE B 134 26.37 21.16 -1.48
CA ILE B 134 26.75 19.90 -0.93
C ILE B 134 28.22 19.57 -1.26
N GLN B 135 28.95 19.02 -0.28
CA GLN B 135 30.32 18.55 -0.46
C GLN B 135 30.38 17.55 -1.61
N PRO B 136 31.38 17.66 -2.50
CA PRO B 136 31.56 16.58 -3.46
C PRO B 136 31.93 15.24 -2.78
N MET B 137 31.48 14.14 -3.36
CA MET B 137 31.66 12.83 -2.73
C MET B 137 33.11 12.50 -2.41
N LYS B 138 34.02 13.02 -3.21
CA LYS B 138 35.45 12.89 -2.94
C LYS B 138 35.82 13.20 -1.48
N GLN B 139 35.16 14.18 -0.86
CA GLN B 139 35.55 14.60 0.47
C GLN B 139 34.64 14.11 1.58
N TRP B 140 33.70 13.22 1.25
CA TRP B 140 32.81 12.63 2.25
C TRP B 140 33.58 11.72 3.20
N LYS B 141 33.52 12.03 4.50
CA LYS B 141 34.28 11.32 5.53
C LYS B 141 33.64 10.00 5.95
N LEU B 142 33.85 8.96 5.14
CA LEU B 142 33.23 7.65 5.32
C LEU B 142 33.99 6.77 6.31
N SER B 143 33.38 5.64 6.65
CA SER B 143 33.91 4.75 7.67
C SER B 143 34.15 3.35 7.16
N ASP B 144 35.19 2.74 7.70
CA ASP B 144 35.65 1.43 7.27
C ASP B 144 34.75 0.31 7.79
N ASN B 145 34.41 0.35 9.09
CA ASN B 145 33.49 -0.62 9.72
C ASN B 145 32.00 -0.45 9.36
N ALA B 146 31.65 0.52 8.52
CA ALA B 146 30.21 0.74 8.19
C ALA B 146 29.60 -0.33 7.29
N ALA B 147 28.37 -0.74 7.60
CA ALA B 147 27.61 -1.73 6.83
C ALA B 147 27.35 -1.25 5.42
N TYR B 148 27.18 0.05 5.29
CA TYR B 148 26.90 0.64 4.01
C TYR B 148 26.91 2.12 4.17
N VAL B 149 26.75 2.82 3.04
CA VAL B 149 26.61 4.25 3.00
C VAL B 149 25.21 4.65 2.49
N HIS B 150 24.56 5.55 3.19
CA HIS B 150 23.22 5.89 2.80
C HIS B 150 23.06 7.37 2.59
N TYR B 151 22.47 7.73 1.44
CA TYR B 151 22.26 9.10 1.09
C TYR B 151 21.00 9.29 0.27
N CYS B 152 20.61 10.55 0.19
CA CYS B 152 19.46 10.97 -0.62
C CYS B 152 19.90 11.88 -1.77
N PRO B 153 19.96 11.35 -3.00
CA PRO B 153 20.38 12.25 -4.10
C PRO B 153 19.37 13.36 -4.53
N ASN B 154 18.16 13.37 -3.97
CA ASN B 154 17.28 14.48 -4.23
C ASN B 154 16.34 14.76 -3.06
N GLU B 155 16.58 15.89 -2.40
CA GLU B 155 15.83 16.26 -1.21
C GLU B 155 14.68 17.10 -1.65
N THR B 156 13.48 16.55 -1.50
CA THR B 156 12.24 17.09 -2.06
C THR B 156 11.86 18.45 -1.52
N ILE B 157 12.12 18.66 -0.23
CA ILE B 157 11.71 19.89 0.44
C ILE B 157 12.71 21.02 0.22
N ASP B 158 13.99 20.69 0.23
CA ASP B 158 15.09 21.66 0.12
C ASP B 158 15.44 22.04 -1.32
N GLY B 159 15.04 21.24 -2.31
CA GLY B 159 15.39 21.48 -3.73
C GLY B 159 16.85 21.24 -4.08
N ILE B 160 17.49 20.33 -3.36
CA ILE B 160 18.92 20.10 -3.38
C ILE B 160 19.17 18.73 -3.92
N ALA B 161 19.95 18.66 -4.99
CA ALA B 161 20.30 17.38 -5.62
C ALA B 161 21.80 17.16 -5.67
N ILE B 162 22.18 15.89 -5.58
CA ILE B 162 23.53 15.41 -5.75
C ILE B 162 23.55 14.61 -7.06
N ASP B 163 24.03 15.23 -8.14
CA ASP B 163 24.02 14.57 -9.46
C ASP B 163 25.12 13.50 -9.63
N GLU B 164 26.16 13.66 -8.81
CA GLU B 164 27.39 12.89 -8.89
C GLU B 164 27.11 11.42 -8.61
N GLN B 165 27.50 10.54 -9.53
CA GLN B 165 27.35 9.10 -9.32
C GLN B 165 28.47 8.57 -8.44
N PRO B 166 28.11 7.73 -7.47
CA PRO B 166 29.08 7.28 -6.49
C PRO B 166 30.11 6.31 -7.06
N ASP B 167 31.29 6.37 -6.47
CA ASP B 167 32.47 5.66 -6.96
C ASP B 167 33.26 5.17 -5.78
N PHE B 168 32.55 4.68 -4.77
CA PHE B 168 33.22 4.22 -3.57
C PHE B 168 33.52 2.77 -3.85
N GLY B 169 34.36 2.16 -3.04
CA GLY B 169 35.03 0.95 -3.49
C GLY B 169 34.16 -0.28 -3.48
N ASN B 170 34.36 -1.09 -2.44
CA ASN B 170 33.57 -2.29 -2.19
C ASN B 170 32.53 -1.96 -1.13
N LYS B 171 32.40 -0.67 -0.80
CA LYS B 171 31.36 -0.19 0.10
C LYS B 171 30.00 -0.31 -0.59
N VAL B 172 29.02 -0.61 0.18
CA VAL B 172 27.68 -0.82 -0.31
C VAL B 172 26.94 0.53 -0.22
N VAL B 173 26.45 0.98 -1.34
CA VAL B 173 25.84 2.31 -1.38
C VAL B 173 24.34 2.13 -1.43
N VAL B 174 23.63 2.73 -0.47
CA VAL B 174 22.17 2.75 -0.49
C VAL B 174 21.69 4.19 -0.76
N ALA B 175 20.73 4.31 -1.69
CA ALA B 175 20.17 5.62 -2.09
C ALA B 175 18.62 5.73 -2.10
N ASP B 176 18.13 6.81 -1.51
CA ASP B 176 16.70 7.16 -1.51
C ASP B 176 16.41 8.05 -2.72
N PHE B 177 15.99 7.41 -3.80
CA PHE B 177 15.78 8.06 -5.06
C PHE B 177 14.30 8.40 -5.23
N SER B 178 13.56 8.50 -4.12
CA SER B 178 12.12 8.73 -4.22
C SER B 178 11.64 9.82 -5.15
N SER B 179 12.23 11.01 -5.07
CA SER B 179 11.77 12.13 -5.86
C SER B 179 12.51 12.36 -7.20
N SER B 180 13.42 11.48 -7.59
CA SER B 180 14.02 11.63 -8.90
C SER B 180 14.29 10.35 -9.69
N ILE B 181 13.69 9.22 -9.29
CA ILE B 181 13.94 7.98 -10.00
C ILE B 181 13.25 8.14 -11.35
N LEU B 182 13.99 7.83 -12.39
CA LEU B 182 13.53 7.83 -13.77
C LEU B 182 13.48 9.23 -14.39
N SER B 183 14.10 10.23 -13.74
CA SER B 183 14.27 11.57 -14.33
C SER B 183 15.34 11.56 -15.43
N ARG B 184 16.24 10.59 -15.33
CA ARG B 184 17.38 10.50 -16.19
C ARG B 184 18.06 9.13 -16.04
N PRO B 185 18.90 8.75 -16.99
CA PRO B 185 19.64 7.52 -16.79
C PRO B 185 20.57 7.55 -15.56
N ILE B 186 20.66 6.41 -14.91
CA ILE B 186 21.69 6.20 -13.90
C ILE B 186 22.39 4.83 -14.09
N ASP B 187 23.64 4.80 -13.64
CA ASP B 187 24.49 3.60 -13.60
C ASP B 187 24.14 2.82 -12.35
N VAL B 188 23.17 1.91 -12.50
CA VAL B 188 22.64 1.14 -11.38
C VAL B 188 23.74 0.26 -10.72
N SER B 189 24.75 -0.08 -11.50
CA SER B 189 25.82 -1.01 -11.05
C SER B 189 26.69 -0.45 -9.94
N ARG B 190 26.62 0.86 -9.74
CA ARG B 190 27.38 1.53 -8.74
C ARG B 190 26.70 1.51 -7.40
N TYR B 191 25.48 0.98 -7.36
CA TYR B 191 24.74 0.94 -6.08
C TYR B 191 24.53 -0.49 -5.55
N GLY B 192 24.35 -0.57 -4.24
CA GLY B 192 23.86 -1.79 -3.59
C GLY B 192 22.34 -1.86 -3.49
N VAL B 193 21.74 -0.87 -2.86
CA VAL B 193 20.27 -0.74 -2.88
C VAL B 193 19.83 0.66 -3.32
N ILE B 194 18.90 0.68 -4.28
CA ILE B 194 18.15 1.89 -4.65
C ILE B 194 16.69 1.68 -4.31
N TYR B 195 16.06 2.69 -3.68
CA TYR B 195 14.66 2.63 -3.39
C TYR B 195 13.96 3.93 -3.65
N ALA B 196 12.64 3.84 -3.78
CA ALA B 196 11.83 4.97 -4.14
C ALA B 196 10.36 4.68 -3.87
N GLY B 197 9.73 5.48 -3.03
CA GLY B 197 8.28 5.51 -2.97
C GLY B 197 7.78 5.86 -4.37
N ALA B 198 6.67 5.29 -4.80
CA ALA B 198 6.25 5.44 -6.17
C ALA B 198 5.57 6.77 -6.47
N GLN B 199 5.10 7.45 -5.41
CA GLN B 199 4.11 8.57 -5.47
C GLN B 199 4.62 9.84 -6.12
N LYS B 200 5.86 9.86 -6.53
CA LYS B 200 6.39 11.08 -7.07
C LYS B 200 6.67 10.99 -8.54
N ASN B 201 7.73 10.29 -8.86
CA ASN B 201 8.16 10.33 -10.21
C ASN B 201 7.81 9.09 -10.95
N ILE B 202 7.07 8.20 -10.30
CA ILE B 202 6.17 7.35 -11.02
C ILE B 202 4.81 8.12 -10.91
N GLY B 203 4.38 8.36 -9.66
CA GLY B 203 3.12 9.07 -9.37
C GLY B 203 2.05 8.39 -8.48
N PRO B 204 1.94 7.04 -8.50
CA PRO B 204 0.88 6.29 -7.75
C PRO B 204 1.26 5.87 -6.33
N ALA B 205 0.46 6.27 -5.36
CA ALA B 205 0.79 6.10 -3.95
C ALA B 205 0.39 4.73 -3.46
N GLY B 206 1.19 4.20 -2.55
CA GLY B 206 0.96 2.88 -1.97
C GLY B 206 1.85 1.78 -2.50
N LEU B 207 2.98 2.12 -3.12
CA LEU B 207 3.91 1.11 -3.65
C LEU B 207 5.30 1.67 -3.50
N THR B 208 6.28 0.82 -3.28
CA THR B 208 7.62 1.30 -3.19
C THR B 208 8.50 0.41 -4.02
N LEU B 209 9.43 1.03 -4.74
CA LEU B 209 10.37 0.29 -5.52
C LEU B 209 11.66 -0.01 -4.75
N VAL B 210 12.14 -1.24 -4.82
CA VAL B 210 13.50 -1.54 -4.30
C VAL B 210 14.31 -2.36 -5.28
N ILE B 211 15.47 -1.84 -5.66
CA ILE B 211 16.37 -2.56 -6.53
C ILE B 211 17.55 -2.95 -5.59
N VAL B 212 17.83 -4.26 -5.45
CA VAL B 212 18.91 -4.78 -4.56
C VAL B 212 19.89 -5.69 -5.26
N ARG B 213 21.17 -5.43 -5.06
CA ARG B 213 22.16 -6.32 -5.63
C ARG B 213 21.95 -7.65 -4.97
N GLU B 214 21.91 -8.70 -5.78
CA GLU B 214 21.55 -10.01 -5.27
C GLU B 214 22.43 -10.56 -4.12
N ASP B 215 23.71 -10.28 -4.12
CA ASP B 215 24.58 -10.84 -3.07
C ASP B 215 24.36 -10.25 -1.69
N LEU B 216 23.62 -9.17 -1.62
CA LEU B 216 23.39 -8.53 -0.33
C LEU B 216 22.27 -9.22 0.44
N LEU B 217 21.50 -10.05 -0.24
CA LEU B 217 20.39 -10.78 0.36
C LEU B 217 20.87 -11.89 1.30
N GLY B 218 20.10 -12.12 2.36
CA GLY B 218 20.39 -13.24 3.27
C GLY B 218 21.09 -12.91 4.57
N LYS B 219 21.40 -11.64 4.78
CA LYS B 219 21.86 -11.15 6.07
C LYS B 219 20.71 -10.50 6.86
N ALA B 220 19.46 -10.75 6.48
CA ALA B 220 18.34 -10.03 7.13
C ALA B 220 18.28 -10.37 8.61
N HIS B 221 18.05 -9.38 9.47
CA HIS B 221 17.74 -9.66 10.87
C HIS B 221 16.43 -10.42 11.00
N THR B 222 16.36 -11.23 12.05
CA THR B 222 15.18 -12.05 12.40
C THR B 222 13.91 -11.26 12.74
N ALA B 223 14.11 -10.09 13.33
CA ALA B 223 13.07 -9.16 13.73
C ALA B 223 12.41 -8.48 12.52
N LEU B 224 13.00 -8.59 11.33
CA LEU B 224 12.41 -7.92 10.18
C LEU B 224 11.11 -8.65 9.81
N PRO B 225 9.97 -7.92 9.81
CA PRO B 225 8.70 -8.44 9.30
C PRO B 225 8.90 -8.99 7.90
N SER B 226 8.42 -10.20 7.66
CA SER B 226 8.64 -10.88 6.38
C SER B 226 8.32 -10.01 5.16
N ILE B 227 7.24 -9.25 5.23
CA ILE B 227 6.84 -8.42 4.06
C ILE B 227 7.92 -7.38 3.67
N LEU B 228 8.88 -7.12 4.57
CA LEU B 228 9.95 -6.15 4.30
C LEU B 228 11.31 -6.81 4.05
N ASP B 229 11.37 -8.14 4.09
CA ASP B 229 12.61 -8.92 3.86
C ASP B 229 12.85 -9.13 2.35
N TYR B 230 13.95 -8.54 1.87
CA TYR B 230 14.21 -8.45 0.44
C TYR B 230 14.29 -9.86 -0.13
N LYS B 231 14.98 -10.75 0.57
CA LYS B 231 15.09 -12.15 0.13
C LYS B 231 13.75 -12.87 -0.01
N ILE B 232 12.85 -12.60 0.93
CA ILE B 232 11.53 -13.19 0.88
C ILE B 232 10.78 -12.62 -0.32
N LEU B 233 10.76 -11.30 -0.43
CA LEU B 233 10.14 -10.62 -1.58
C LEU B 233 10.68 -11.23 -2.84
N ALA B 234 12.00 -11.36 -2.92
CA ALA B 234 12.66 -11.83 -4.12
C ALA B 234 12.31 -13.28 -4.43
N ASP B 235 12.34 -14.10 -3.37
CA ASP B 235 11.98 -15.49 -3.51
C ASP B 235 10.53 -15.63 -3.93
N ASN B 236 9.68 -14.68 -3.61
CA ASN B 236 8.27 -14.78 -4.02
C ASN B 236 7.86 -13.77 -5.10
N ASP B 237 8.83 -13.12 -5.72
CA ASP B 237 8.55 -12.12 -6.75
C ASP B 237 7.56 -11.04 -6.30
N SER B 238 7.79 -10.50 -5.10
CA SER B 238 6.99 -9.45 -4.54
C SER B 238 5.54 -9.84 -4.31
N MET B 239 5.26 -11.14 -4.32
CA MET B 239 3.92 -11.62 -4.03
C MET B 239 3.97 -12.60 -2.85
N PHE B 240 4.81 -12.23 -1.87
CA PHE B 240 4.76 -12.87 -0.54
C PHE B 240 3.39 -12.68 0.09
N ASN B 241 2.91 -11.43 0.19
CA ASN B 241 1.50 -11.17 0.50
C ASN B 241 0.78 -10.47 -0.67
N THR B 242 -0.47 -10.07 -0.48
CA THR B 242 -1.19 -9.38 -1.55
C THR B 242 -0.55 -8.03 -1.77
N PRO B 243 -0.05 -7.79 -3.00
CA PRO B 243 0.52 -6.54 -3.46
C PRO B 243 -0.54 -5.48 -3.62
N PRO B 244 -0.12 -4.22 -3.77
CA PRO B 244 -1.04 -3.12 -4.13
C PRO B 244 -1.35 -3.19 -5.60
N THR B 245 -2.26 -4.09 -5.97
CA THR B 245 -2.44 -4.45 -7.36
C THR B 245 -2.64 -3.22 -8.27
N PHE B 246 -3.54 -2.33 -7.89
CA PHE B 246 -3.87 -1.19 -8.78
C PHE B 246 -2.69 -0.27 -9.02
N ALA B 247 -1.99 0.03 -7.93
CA ALA B 247 -0.79 0.79 -7.92
C ALA B 247 0.29 0.19 -8.85
N TRP B 248 0.47 -1.10 -8.74
CA TRP B 248 1.49 -1.82 -9.49
C TRP B 248 1.11 -1.73 -10.98
N TYR B 249 -0.15 -1.98 -11.29
CA TYR B 249 -0.65 -1.84 -12.64
C TYR B 249 -0.41 -0.46 -13.24
N LEU B 250 -0.75 0.56 -12.49
CA LEU B 250 -0.62 1.92 -12.97
C LEU B 250 0.83 2.26 -13.26
N SER B 251 1.72 1.86 -12.33
CA SER B 251 3.16 2.00 -12.49
C SER B 251 3.62 1.36 -13.80
N GLY B 252 3.15 0.16 -14.04
CA GLY B 252 3.27 -0.49 -15.32
C GLY B 252 2.79 0.39 -16.43
N LEU B 253 1.65 1.06 -16.29
CA LEU B 253 1.26 1.97 -17.39
C LEU B 253 2.30 3.08 -17.53
N VAL B 254 2.78 3.58 -16.40
CA VAL B 254 3.82 4.61 -16.40
C VAL B 254 5.06 4.14 -17.17
N PHE B 255 5.46 2.89 -16.92
CA PHE B 255 6.62 2.33 -17.59
C PHE B 255 6.43 2.29 -19.07
N LYS B 256 5.26 1.82 -19.48
CA LYS B 256 4.97 1.84 -20.93
C LYS B 256 5.00 3.24 -21.52
N TRP B 257 4.50 4.20 -20.78
CA TRP B 257 4.42 5.53 -21.27
C TRP B 257 5.84 6.04 -21.46
N LEU B 258 6.68 5.83 -20.44
CA LEU B 258 8.08 6.21 -20.54
C LEU B 258 8.70 5.66 -21.83
N LYS B 259 8.58 4.36 -22.06
CA LYS B 259 9.00 3.75 -23.34
C LYS B 259 8.47 4.46 -24.63
N GLU B 260 7.18 4.83 -24.68
CA GLU B 260 6.60 5.48 -25.88
C GLU B 260 7.23 6.88 -26.05
N GLN B 261 7.59 7.52 -24.93
CA GLN B 261 8.19 8.85 -25.00
C GLN B 261 9.63 8.80 -25.47
N GLY B 262 10.30 7.65 -25.33
CA GLY B 262 11.67 7.49 -25.79
C GLY B 262 12.66 7.13 -24.72
N GLY B 263 12.17 6.74 -23.54
CA GLY B 263 13.02 6.25 -22.46
C GLY B 263 13.61 7.37 -21.64
N LEU B 264 14.48 6.99 -20.72
CA LEU B 264 15.07 7.91 -19.75
C LEU B 264 16.03 8.90 -20.33
N GLY B 265 16.58 8.63 -21.50
CA GLY B 265 17.39 9.63 -22.17
C GLY B 265 16.57 10.82 -22.66
N GLU B 266 15.33 10.58 -23.07
CA GLU B 266 14.48 11.64 -23.52
C GLU B 266 13.96 12.41 -22.27
N MET B 267 13.61 11.68 -21.22
CA MET B 267 13.21 12.29 -19.98
C MET B 267 14.24 13.31 -19.49
N GLU B 268 15.51 12.92 -19.49
CA GLU B 268 16.62 13.80 -19.12
C GLU B 268 16.58 15.14 -19.88
N LYS B 269 16.48 15.07 -21.20
CA LYS B 269 16.43 16.30 -22.01
C LYS B 269 15.22 17.11 -21.64
N ARG B 270 14.07 16.46 -21.51
CA ARG B 270 12.88 17.22 -21.25
C ARG B 270 13.01 17.87 -19.89
N ASN B 271 13.52 17.09 -18.91
CA ASN B 271 13.59 17.54 -17.54
C ASN B 271 14.61 18.65 -17.42
N GLN B 272 15.74 18.48 -18.10
CA GLN B 272 16.71 19.58 -18.23
C GLN B 272 16.04 20.85 -18.71
N ALA B 273 15.37 20.77 -19.83
CA ALA B 273 14.80 21.95 -20.44
C ALA B 273 13.74 22.61 -19.53
N LYS B 274 12.97 21.80 -18.80
CA LYS B 274 11.97 22.30 -17.85
C LYS B 274 12.61 23.04 -16.68
N ALA B 275 13.71 22.52 -16.13
CA ALA B 275 14.39 23.19 -15.01
C ALA B 275 15.01 24.49 -15.49
N GLU B 276 15.61 24.40 -16.65
CA GLU B 276 16.31 25.55 -17.17
C GLU B 276 15.33 26.73 -17.30
N LEU B 277 14.12 26.41 -17.79
CA LEU B 277 13.07 27.40 -18.00
C LEU B 277 12.67 28.02 -16.67
N LEU B 278 12.43 27.17 -15.68
CA LEU B 278 11.95 27.65 -14.39
C LEU B 278 13.02 28.36 -13.58
N TYR B 279 14.24 27.81 -13.53
CA TYR B 279 15.31 28.54 -12.88
C TYR B 279 15.61 29.84 -13.64
N GLY B 280 15.45 29.79 -14.95
CA GLY B 280 15.51 31.00 -15.76
C GLY B 280 14.52 32.03 -15.26
N ALA B 281 13.33 31.61 -14.87
CA ALA B 281 12.31 32.59 -14.51
C ALA B 281 12.66 33.21 -13.13
N ILE B 282 13.20 32.40 -12.22
CA ILE B 282 13.63 32.85 -10.90
C ILE B 282 14.85 33.81 -10.94
N ASP B 283 15.84 33.46 -11.77
CA ASP B 283 17.12 34.17 -11.78
C ASP B 283 17.08 35.52 -12.48
N ARG B 284 16.21 35.67 -13.46
CA ARG B 284 16.31 36.84 -14.32
C ARG B 284 15.75 38.09 -13.69
N THR B 285 15.25 37.94 -12.47
CA THR B 285 14.61 39.00 -11.75
C THR B 285 14.92 38.90 -10.25
N GLY B 286 14.91 40.05 -9.59
CA GLY B 286 15.12 40.12 -8.13
C GLY B 286 13.86 39.84 -7.29
N PHE B 287 12.70 39.86 -7.96
CA PHE B 287 11.40 39.56 -7.36
C PHE B 287 11.29 38.13 -6.76
N TYR B 288 11.82 37.12 -7.46
CA TYR B 288 11.85 35.72 -6.95
C TYR B 288 13.29 35.27 -6.58
N ARG B 289 13.43 34.34 -5.65
CA ARG B 289 14.73 33.88 -5.21
C ARG B 289 14.83 32.37 -4.99
N ASN B 290 16.03 31.85 -5.18
CA ASN B 290 16.35 30.46 -4.85
C ASN B 290 17.75 30.42 -4.29
N ASP B 291 17.91 29.76 -3.17
CA ASP B 291 19.13 29.85 -2.43
C ASP B 291 19.88 28.49 -2.46
N VAL B 292 19.77 27.79 -3.57
CA VAL B 292 20.50 26.53 -3.72
C VAL B 292 21.62 26.75 -4.69
N ALA B 293 22.81 26.22 -4.39
CA ALA B 293 23.95 26.39 -5.30
C ALA B 293 23.60 25.77 -6.64
N ILE B 294 24.04 26.43 -7.69
CA ILE B 294 23.78 26.05 -9.04
C ILE B 294 24.00 24.57 -9.31
N THR B 295 25.14 24.10 -8.87
CA THR B 295 25.54 22.74 -9.09
C THR B 295 24.65 21.73 -8.34
N ASN B 296 23.92 22.19 -7.32
CA ASN B 296 23.08 21.29 -6.52
C ASN B 296 21.54 21.48 -6.69
N ARG B 297 21.15 22.30 -7.65
CA ARG B 297 19.73 22.57 -7.91
C ARG B 297 18.97 21.33 -8.46
N SER B 298 17.98 20.89 -7.70
CA SER B 298 17.11 19.81 -8.16
C SER B 298 16.39 20.21 -9.44
N TRP B 299 16.27 19.27 -10.35
CA TRP B 299 15.46 19.46 -11.52
C TRP B 299 14.00 19.11 -11.22
N MET B 300 13.70 18.53 -10.06
CA MET B 300 12.38 17.93 -9.85
C MET B 300 11.56 18.78 -8.92
N ASN B 301 12.22 19.29 -7.86
CA ASN B 301 11.55 20.12 -6.87
C ASN B 301 12.25 21.46 -6.77
N VAL B 302 11.50 22.54 -6.96
CA VAL B 302 12.06 23.84 -7.16
C VAL B 302 11.38 24.82 -6.19
N PRO B 303 11.88 24.87 -4.94
CA PRO B 303 11.39 25.86 -4.01
C PRO B 303 11.91 27.19 -4.43
N PHE B 304 11.14 28.22 -4.14
CA PHE B 304 11.58 29.57 -4.39
C PHE B 304 10.73 30.57 -3.63
N GLN B 305 11.33 31.68 -3.26
CA GLN B 305 10.58 32.65 -2.48
C GLN B 305 10.47 34.01 -3.16
N MET B 306 9.56 34.86 -2.69
CA MET B 306 9.51 36.26 -3.11
C MET B 306 10.25 37.21 -2.17
N ALA B 307 10.66 38.33 -2.75
CA ALA B 307 11.45 39.34 -2.03
C ALA B 307 10.55 39.89 -0.99
N ASP B 308 9.27 40.07 -1.38
CA ASP B 308 8.19 40.46 -0.49
C ASP B 308 7.24 39.30 -0.13
N ALA B 309 7.55 38.63 0.97
CA ALA B 309 6.85 37.44 1.43
C ALA B 309 5.33 37.63 1.79
N SER B 310 4.88 38.87 1.89
CA SER B 310 3.47 39.20 2.13
C SER B 310 2.65 39.18 0.84
N LEU B 311 3.29 38.87 -0.29
CA LEU B 311 2.53 38.63 -1.52
C LEU B 311 2.24 37.13 -1.70
N ASP B 312 2.84 36.31 -0.87
CA ASP B 312 2.74 34.86 -1.07
C ASP B 312 1.29 34.42 -1.28
N LYS B 313 0.38 34.92 -0.43
CA LYS B 313 -1.00 34.45 -0.47
C LYS B 313 -1.62 34.86 -1.79
N LEU B 314 -1.42 36.11 -2.18
CA LEU B 314 -1.98 36.60 -3.43
C LEU B 314 -1.42 35.79 -4.58
N PHE B 315 -0.14 35.47 -4.50
CA PHE B 315 0.51 34.75 -5.61
C PHE B 315 -0.07 33.37 -5.76
N LEU B 316 -0.15 32.63 -4.68
CA LEU B 316 -0.70 31.27 -4.64
C LEU B 316 -2.14 31.29 -5.05
N SER B 317 -2.85 32.28 -4.55
CA SER B 317 -4.28 32.37 -4.85
C SER B 317 -4.52 32.70 -6.35
N GLU B 318 -3.83 33.70 -6.88
CA GLU B 318 -3.98 34.03 -8.33
C GLU B 318 -3.48 32.90 -9.24
N ALA B 319 -2.37 32.25 -8.85
CA ALA B 319 -1.88 31.11 -9.64
C ALA B 319 -2.97 30.04 -9.76
N GLU B 320 -3.58 29.67 -8.64
CA GLU B 320 -4.71 28.72 -8.63
C GLU B 320 -5.86 29.10 -9.54
N ALA B 321 -6.28 30.36 -9.50
CA ALA B 321 -7.34 30.87 -10.40
C ALA B 321 -7.03 30.65 -11.91
N GLN B 322 -5.75 30.48 -12.23
CA GLN B 322 -5.29 30.23 -13.60
C GLN B 322 -4.95 28.76 -13.86
N GLY B 323 -5.28 27.87 -12.92
CA GLY B 323 -5.06 26.45 -13.10
C GLY B 323 -3.72 25.92 -12.59
N LEU B 324 -3.01 26.70 -11.78
CA LEU B 324 -1.70 26.29 -11.31
C LEU B 324 -1.77 25.94 -9.84
N GLN B 325 -1.82 24.63 -9.52
CA GLN B 325 -2.19 24.21 -8.17
C GLN B 325 -1.01 23.65 -7.40
N ALA B 326 -1.16 23.63 -6.08
CA ALA B 326 -0.29 22.93 -5.16
C ALA B 326 1.11 23.47 -5.29
N LEU B 327 1.25 24.78 -5.11
CA LEU B 327 2.57 25.41 -5.24
C LEU B 327 3.06 25.95 -3.91
N LYS B 328 2.33 25.71 -2.84
CA LYS B 328 2.75 26.25 -1.54
C LYS B 328 4.09 25.65 -1.10
N GLY B 329 4.98 26.49 -0.62
CA GLY B 329 6.27 26.04 -0.09
C GLY B 329 6.13 25.37 1.27
N HIS B 330 7.27 25.19 1.91
CA HIS B 330 7.36 24.66 3.25
C HIS B 330 7.44 25.89 4.19
N ARG B 331 6.99 25.73 5.43
CA ARG B 331 6.78 26.89 6.32
C ARG B 331 8.06 27.49 6.91
N VAL B 332 9.07 26.65 7.16
CA VAL B 332 10.43 27.13 7.45
C VAL B 332 10.90 28.13 6.37
N ALA B 333 10.66 27.80 5.10
CA ALA B 333 11.05 28.68 4.00
C ALA B 333 9.95 29.68 3.59
N GLY B 334 8.69 29.30 3.77
CA GLY B 334 7.57 30.06 3.23
C GLY B 334 7.66 29.98 1.73
N GLY B 335 7.23 31.03 1.04
CA GLY B 335 7.29 31.05 -0.39
C GLY B 335 6.57 29.93 -1.11
N MET B 336 7.18 29.46 -2.20
CA MET B 336 6.59 28.49 -3.12
C MET B 336 7.45 27.25 -3.30
N ARG B 337 6.83 26.19 -3.80
CA ARG B 337 7.56 25.05 -4.38
C ARG B 337 6.84 24.46 -5.59
N ALA B 338 7.50 24.44 -6.76
CA ALA B 338 7.04 23.74 -7.94
C ALA B 338 7.83 22.41 -8.07
N SER B 339 7.10 21.30 -7.98
CA SER B 339 7.61 20.01 -8.35
C SER B 339 7.12 19.78 -9.76
N ILE B 340 8.05 19.38 -10.60
CA ILE B 340 7.89 19.29 -11.99
C ILE B 340 8.46 17.94 -12.40
N TYR B 341 7.76 16.90 -12.00
CA TYR B 341 8.18 15.54 -12.25
C TYR B 341 8.00 15.14 -13.73
N ASN B 342 8.30 13.89 -14.07
CA ASN B 342 8.26 13.40 -15.46
C ASN B 342 6.93 13.73 -16.17
N ALA B 343 5.82 13.51 -15.45
CA ALA B 343 4.46 13.67 -16.00
C ALA B 343 4.16 15.09 -16.47
N MET B 344 4.74 16.05 -15.77
CA MET B 344 4.58 17.45 -16.08
C MET B 344 5.29 17.80 -17.40
N PRO B 345 4.51 18.29 -18.40
CA PRO B 345 5.08 18.78 -19.65
C PRO B 345 5.68 20.17 -19.48
N ILE B 346 6.55 20.52 -20.44
CA ILE B 346 7.19 21.82 -20.53
C ILE B 346 6.11 22.85 -20.57
N GLU B 347 4.99 22.54 -21.23
CA GLU B 347 3.87 23.52 -21.35
C GLU B 347 3.36 23.94 -20.01
N GLY B 348 3.40 23.00 -19.10
CA GLY B 348 2.98 23.22 -17.73
C GLY B 348 3.89 24.20 -17.07
N VAL B 349 5.20 24.00 -17.26
CA VAL B 349 6.20 24.87 -16.63
C VAL B 349 6.13 26.25 -17.29
N LYS B 350 5.76 26.29 -18.56
CA LYS B 350 5.65 27.54 -19.26
C LYS B 350 4.51 28.36 -18.72
N ALA B 351 3.38 27.72 -18.50
CA ALA B 351 2.26 28.46 -17.95
C ALA B 351 2.66 29.00 -16.58
N LEU B 352 3.50 28.28 -15.84
CA LEU B 352 3.91 28.79 -14.52
C LEU B 352 4.87 29.98 -14.70
N THR B 353 5.85 29.88 -15.62
CA THR B 353 6.77 30.99 -15.79
C THR B 353 6.05 32.19 -16.40
N ASP B 354 5.13 31.98 -17.35
CA ASP B 354 4.34 33.09 -17.88
C ASP B 354 3.58 33.73 -16.74
N PHE B 355 2.97 32.91 -15.90
CA PHE B 355 2.30 33.47 -14.78
C PHE B 355 3.30 34.24 -13.89
N MET B 356 4.48 33.69 -13.65
CA MET B 356 5.43 34.34 -12.78
C MET B 356 5.80 35.69 -13.34
N ALA B 357 5.83 35.80 -14.67
CA ALA B 357 6.27 37.05 -15.30
C ALA B 357 5.18 38.10 -15.17
N ASP B 358 3.94 37.70 -15.32
CA ASP B 358 2.84 38.63 -15.27
C ASP B 358 2.75 39.21 -13.87
N PHE B 359 2.95 38.33 -12.89
CA PHE B 359 2.78 38.72 -11.51
C PHE B 359 3.88 39.70 -11.14
N GLU B 360 5.11 39.43 -11.53
CA GLU B 360 6.20 40.38 -11.23
C GLU B 360 5.95 41.69 -11.92
N ARG B 361 5.44 41.65 -13.14
CA ARG B 361 5.10 42.86 -13.88
C ARG B 361 4.13 43.73 -13.02
N ARG B 362 3.11 43.10 -12.47
CA ARG B 362 2.14 43.79 -11.64
C ARG B 362 2.69 44.41 -10.39
N HIS B 363 3.39 43.60 -9.61
CA HIS B 363 3.65 43.86 -8.19
C HIS B 363 5.08 44.10 -7.85
N GLY B 364 5.91 44.12 -8.90
CA GLY B 364 7.30 44.38 -8.77
C GLY B 364 7.54 45.86 -8.68
N1 PLP C . -5.87 -13.37 6.92
C2 PLP C . -6.99 -13.76 6.27
C2A PLP C . -8.24 -14.30 6.99
C3 PLP C . -7.05 -13.63 4.81
O3 PLP C . -8.15 -13.99 4.16
C4 PLP C . -5.90 -13.12 4.04
C4A PLP C . -5.82 -12.94 2.57
C5 PLP C . -4.72 -12.76 4.86
C6 PLP C . -4.76 -12.89 6.25
C5A PLP C . -3.49 -12.20 4.16
O4P PLP C . -3.82 -10.94 3.59
P PLP C . -2.66 -10.03 2.87
O1P PLP C . -2.32 -10.75 1.46
O2P PLP C . -1.38 -10.02 3.86
O3P PLP C . -3.37 -8.70 2.85
N1 PLP D . 12.33 10.27 0.67
C2 PLP D . 12.12 11.33 -0.15
C2A PLP D . 13.24 11.95 -0.98
C3 PLP D . 10.73 11.84 -0.27
O3 PLP D . 10.41 12.86 -1.14
C4 PLP D . 9.64 11.25 0.51
C4A PLP D . 8.22 11.80 0.41
C5 PLP D . 9.98 10.12 1.37
C6 PLP D . 11.29 9.71 1.44
C5A PLP D . 8.88 9.51 2.28
O4P PLP D . 8.11 8.57 1.57
P PLP D . 6.81 7.91 2.24
O1P PLP D . 5.90 9.17 2.66
O2P PLP D . 7.38 7.00 3.49
O3P PLP D . 6.33 6.94 1.21
#